data_1NGT
# 
_entry.id   1NGT 
# 
_audit_conform.dict_name       mmcif_pdbx.dic 
_audit_conform.dict_version    5.386 
_audit_conform.dict_location   http://mmcif.pdb.org/dictionaries/ascii/mmcif_pdbx.dic 
# 
loop_
_database_2.database_id 
_database_2.database_code 
_database_2.pdbx_database_accession 
_database_2.pdbx_DOI 
PDB   1NGT         pdb_00001ngt 10.2210/pdb1ngt/pdb 
NDB   BD0062       ?            ?                   
RCSB  RCSB017854   ?            ?                   
WWPDB D_1000017854 ?            ?                   
# 
loop_
_pdbx_audit_revision_history.ordinal 
_pdbx_audit_revision_history.data_content_type 
_pdbx_audit_revision_history.major_revision 
_pdbx_audit_revision_history.minor_revision 
_pdbx_audit_revision_history.revision_date 
1 'Structure model' 1 0 2003-03-04 
2 'Structure model' 1 1 2008-04-29 
3 'Structure model' 1 2 2011-07-13 
4 'Structure model' 1 3 2017-10-11 
5 'Structure model' 1 4 2018-03-07 
6 'Structure model' 1 5 2024-02-14 
# 
_pdbx_audit_revision_details.ordinal             1 
_pdbx_audit_revision_details.revision_ordinal    1 
_pdbx_audit_revision_details.data_content_type   'Structure model' 
_pdbx_audit_revision_details.provider            repository 
_pdbx_audit_revision_details.type                'Initial release' 
_pdbx_audit_revision_details.description         ? 
_pdbx_audit_revision_details.details             ? 
# 
loop_
_pdbx_audit_revision_group.ordinal 
_pdbx_audit_revision_group.revision_ordinal 
_pdbx_audit_revision_group.data_content_type 
_pdbx_audit_revision_group.group 
1 2 'Structure model' 'Version format compliance' 
2 3 'Structure model' 'Version format compliance' 
3 4 'Structure model' 'Refinement description'    
4 5 'Structure model' 'Data collection'           
5 6 'Structure model' 'Data collection'           
6 6 'Structure model' 'Database references'       
7 6 'Structure model' 'Derived calculations'      
# 
loop_
_pdbx_audit_revision_category.ordinal 
_pdbx_audit_revision_category.revision_ordinal 
_pdbx_audit_revision_category.data_content_type 
_pdbx_audit_revision_category.category 
1 4 'Structure model' software               
2 5 'Structure model' diffrn_source          
3 6 'Structure model' chem_comp_atom         
4 6 'Structure model' chem_comp_bond         
5 6 'Structure model' database_2             
6 6 'Structure model' pdbx_struct_conn_angle 
7 6 'Structure model' struct_conn            
8 6 'Structure model' struct_conn_type       
9 6 'Structure model' struct_site            
# 
loop_
_pdbx_audit_revision_item.ordinal 
_pdbx_audit_revision_item.revision_ordinal 
_pdbx_audit_revision_item.data_content_type 
_pdbx_audit_revision_item.item 
1  5 'Structure model' '_diffrn_source.source'                       
2  6 'Structure model' '_database_2.pdbx_DOI'                        
3  6 'Structure model' '_database_2.pdbx_database_accession'         
4  6 'Structure model' '_pdbx_struct_conn_angle.ptnr1_auth_asym_id'  
5  6 'Structure model' '_pdbx_struct_conn_angle.ptnr1_auth_seq_id'   
6  6 'Structure model' '_pdbx_struct_conn_angle.ptnr1_label_asym_id' 
7  6 'Structure model' '_pdbx_struct_conn_angle.ptnr3_auth_asym_id'  
8  6 'Structure model' '_pdbx_struct_conn_angle.ptnr3_auth_seq_id'   
9  6 'Structure model' '_pdbx_struct_conn_angle.ptnr3_label_asym_id' 
10 6 'Structure model' '_pdbx_struct_conn_angle.value'               
11 6 'Structure model' '_struct_conn.conn_type_id'                   
12 6 'Structure model' '_struct_conn.id'                             
13 6 'Structure model' '_struct_conn.pdbx_dist_value'                
14 6 'Structure model' '_struct_conn.pdbx_leaving_atom_flag'         
15 6 'Structure model' '_struct_conn.ptnr1_auth_asym_id'             
16 6 'Structure model' '_struct_conn.ptnr1_auth_comp_id'             
17 6 'Structure model' '_struct_conn.ptnr1_auth_seq_id'              
18 6 'Structure model' '_struct_conn.ptnr1_label_asym_id'            
19 6 'Structure model' '_struct_conn.ptnr1_label_atom_id'            
20 6 'Structure model' '_struct_conn.ptnr1_label_comp_id'            
21 6 'Structure model' '_struct_conn.ptnr1_label_seq_id'             
22 6 'Structure model' '_struct_conn.ptnr2_auth_asym_id'             
23 6 'Structure model' '_struct_conn.ptnr2_auth_comp_id'             
24 6 'Structure model' '_struct_conn.ptnr2_auth_seq_id'              
25 6 'Structure model' '_struct_conn.ptnr2_label_asym_id'            
26 6 'Structure model' '_struct_conn.ptnr2_label_atom_id'            
27 6 'Structure model' '_struct_conn.ptnr2_label_comp_id'            
28 6 'Structure model' '_struct_conn.ptnr2_label_seq_id'             
29 6 'Structure model' '_struct_conn_type.id'                        
30 6 'Structure model' '_struct_site.pdbx_auth_asym_id'              
31 6 'Structure model' '_struct_site.pdbx_auth_comp_id'              
32 6 'Structure model' '_struct_site.pdbx_auth_seq_id'               
# 
_pdbx_database_status.status_code                     REL 
_pdbx_database_status.entry_id                        1NGT 
_pdbx_database_status.recvd_initial_deposition_date   2002-12-17 
_pdbx_database_status.deposit_site                    RCSB 
_pdbx_database_status.process_site                    RCSB 
_pdbx_database_status.status_code_sf                  REL 
_pdbx_database_status.SG_entry                        . 
_pdbx_database_status.pdb_format_compatible           Y 
_pdbx_database_status.status_code_mr                  ? 
_pdbx_database_status.status_code_cs                  ? 
_pdbx_database_status.methods_development_category    ? 
_pdbx_database_status.status_code_nmr_data            ? 
# 
loop_
_audit_author.name 
_audit_author.pdbx_ordinal 
'Woods, K.K.'      1 
'Lan, T.'          2 
'McLaughlin, L.W.' 3 
'Williams, L.D.'   4 
# 
_citation.id                        primary 
_citation.title                     'The Role of Minor Groove Functional Groups in DNA Hydration' 
_citation.journal_abbrev            'Nucleic Acids Res.' 
_citation.journal_volume            31 
_citation.page_first                1536 
_citation.page_last                 1540 
_citation.year                      2003 
_citation.journal_id_ASTM           NARHAD 
_citation.country                   UK 
_citation.journal_id_ISSN           0305-1048 
_citation.journal_id_CSD            0389 
_citation.book_publisher            ? 
_citation.pdbx_database_id_PubMed   12595562 
_citation.pdbx_database_id_DOI      10.1093/nar/gkg240 
# 
loop_
_citation_author.citation_id 
_citation_author.name 
_citation_author.ordinal 
_citation_author.identifier_ORCID 
primary 'Woods, K.K.'      1 ? 
primary 'Lan, T.'          2 ? 
primary 'McLaughlin, L.W.' 3 ? 
primary 'Williams, L.D.'   4 ? 
# 
loop_
_entity.id 
_entity.type 
_entity.src_method 
_entity.pdbx_description 
_entity.formula_weight 
_entity.pdbx_number_of_molecules 
_entity.pdbx_ec 
_entity.pdbx_mutation 
_entity.pdbx_fragment 
_entity.details 
1 polymer     syn "5'-D(*CP*GP*CP*GP*AP*AP*(MTR)P*TP*CP*GP*CP*G)-3'" 3646.405 2  ? ? ? ? 
2 non-polymer syn 'MAGNESIUM ION'                                    24.305   1  ? ? ? ? 
3 water       nat water                                              18.015   82 ? ? ? ? 
# 
_entity_poly.entity_id                      1 
_entity_poly.type                           polydeoxyribonucleotide 
_entity_poly.nstd_linkage                   no 
_entity_poly.nstd_monomer                   yes 
_entity_poly.pdbx_seq_one_letter_code       '(DC)(DG)(DC)(DG)(DA)(DA)(MTR)(DT)(DC)(DG)(DC)(DG)' 
_entity_poly.pdbx_seq_one_letter_code_can   CGCGAATTCGCG 
_entity_poly.pdbx_strand_id                 A,B 
_entity_poly.pdbx_target_identifier         ? 
# 
loop_
_pdbx_entity_nonpoly.entity_id 
_pdbx_entity_nonpoly.name 
_pdbx_entity_nonpoly.comp_id 
2 'MAGNESIUM ION' MG  
3 water           HOH 
# 
loop_
_entity_poly_seq.entity_id 
_entity_poly_seq.num 
_entity_poly_seq.mon_id 
_entity_poly_seq.hetero 
1 1  DC  n 
1 2  DG  n 
1 3  DC  n 
1 4  DG  n 
1 5  DA  n 
1 6  DA  n 
1 7  MTR n 
1 8  DT  n 
1 9  DC  n 
1 10 DG  n 
1 11 DC  n 
1 12 DG  n 
# 
loop_
_chem_comp.id 
_chem_comp.type 
_chem_comp.mon_nstd_flag 
_chem_comp.name 
_chem_comp.pdbx_synonyms 
_chem_comp.formula 
_chem_comp.formula_weight 
DA  'DNA linking' y "2'-DEOXYADENOSINE-5'-MONOPHOSPHATE"                                                 ? 'C10 H14 N5 O6 P' 
331.222 
DC  'DNA linking' y "2'-DEOXYCYTIDINE-5'-MONOPHOSPHATE"                                                  ? 'C9 H14 N3 O7 P'  
307.197 
DG  'DNA linking' y "2'-DEOXYGUANOSINE-5'-MONOPHOSPHATE"                                                 ? 'C10 H14 N5 O7 P' 
347.221 
DT  'DNA linking' y "THYMIDINE-5'-MONOPHOSPHATE"                                                         ? 'C10 H15 N2 O8 P' 
322.208 
HOH non-polymer   . WATER                                                                                ? 'H2 O'            
18.015  
MG  non-polymer   . 'MAGNESIUM ION'                                                                      ? 'Mg 2'            
24.305  
MTR 'DNA linking' n '(5-METHYL-6-OXO-1,6-DIHYDRO-PYRIDIN-3-YL)-1,2-DIDEOXY-RIBOFURANOSE-5-MONOPHOSPHATE' ? 'C11 H16 N O7 P'  
305.221 
# 
loop_
_pdbx_poly_seq_scheme.asym_id 
_pdbx_poly_seq_scheme.entity_id 
_pdbx_poly_seq_scheme.seq_id 
_pdbx_poly_seq_scheme.mon_id 
_pdbx_poly_seq_scheme.ndb_seq_num 
_pdbx_poly_seq_scheme.pdb_seq_num 
_pdbx_poly_seq_scheme.auth_seq_num 
_pdbx_poly_seq_scheme.pdb_mon_id 
_pdbx_poly_seq_scheme.auth_mon_id 
_pdbx_poly_seq_scheme.pdb_strand_id 
_pdbx_poly_seq_scheme.pdb_ins_code 
_pdbx_poly_seq_scheme.hetero 
A 1 1  DC  1  1  1  DC  C A . n 
A 1 2  DG  2  2  2  DG  G A . n 
A 1 3  DC  3  3  3  DC  C A . n 
A 1 4  DG  4  4  4  DG  G A . n 
A 1 5  DA  5  5  5  DA  A A . n 
A 1 6  DA  6  6  6  DA  A A . n 
A 1 7  MTR 7  7  7  MTR D A . n 
A 1 8  DT  8  8  8  DT  T A . n 
A 1 9  DC  9  9  9  DC  C A . n 
A 1 10 DG  10 10 10 DG  G A . n 
A 1 11 DC  11 11 11 DC  C A . n 
A 1 12 DG  12 12 12 DG  G A . n 
B 1 1  DC  1  13 13 DC  C B . n 
B 1 2  DG  2  14 14 DG  G B . n 
B 1 3  DC  3  15 15 DC  C B . n 
B 1 4  DG  4  16 16 DG  G B . n 
B 1 5  DA  5  17 17 DA  A B . n 
B 1 6  DA  6  18 18 DA  A B . n 
B 1 7  MTR 7  19 19 MTR D B . n 
B 1 8  DT  8  20 20 DT  T B . n 
B 1 9  DC  9  21 21 DC  C B . n 
B 1 10 DG  10 22 22 DG  G B . n 
B 1 11 DC  11 23 23 DC  C B . n 
B 1 12 DG  12 24 24 DG  G B . n 
# 
loop_
_pdbx_nonpoly_scheme.asym_id 
_pdbx_nonpoly_scheme.entity_id 
_pdbx_nonpoly_scheme.mon_id 
_pdbx_nonpoly_scheme.ndb_seq_num 
_pdbx_nonpoly_scheme.pdb_seq_num 
_pdbx_nonpoly_scheme.auth_seq_num 
_pdbx_nonpoly_scheme.pdb_mon_id 
_pdbx_nonpoly_scheme.auth_mon_id 
_pdbx_nonpoly_scheme.pdb_strand_id 
_pdbx_nonpoly_scheme.pdb_ins_code 
C 2 MG  1  25  25  MG  ION A . 
D 3 HOH 1  26  26  HOH HOH A . 
D 3 HOH 2  27  27  HOH HOH A . 
D 3 HOH 3  28  28  HOH HOH A . 
D 3 HOH 4  30  30  HOH HOH A . 
D 3 HOH 5  31  31  HOH HOH A . 
D 3 HOH 6  32  32  HOH HOH A . 
D 3 HOH 7  33  33  HOH HOH A . 
D 3 HOH 8  35  35  HOH HOH A . 
D 3 HOH 9  36  36  HOH HOH A . 
D 3 HOH 10 37  37  HOH HOH A . 
D 3 HOH 11 38  38  HOH HOH A . 
D 3 HOH 12 40  40  HOH HOH A . 
D 3 HOH 13 47  47  HOH HOH A . 
D 3 HOH 14 49  49  HOH HOH A . 
D 3 HOH 15 50  50  HOH HOH A . 
D 3 HOH 16 52  52  HOH HOH A . 
D 3 HOH 17 55  55  HOH HOH A . 
D 3 HOH 18 59  59  HOH HOH A . 
D 3 HOH 19 60  60  HOH HOH A . 
D 3 HOH 20 61  61  HOH HOH A . 
D 3 HOH 21 62  62  HOH HOH A . 
D 3 HOH 22 63  63  HOH HOH A . 
D 3 HOH 23 64  64  HOH HOH A . 
D 3 HOH 24 65  65  HOH HOH A . 
D 3 HOH 25 75  75  HOH HOH A . 
D 3 HOH 26 76  76  HOH HOH A . 
D 3 HOH 27 116 116 HOH HOH A . 
D 3 HOH 28 120 120 HOH HOH A . 
D 3 HOH 29 121 121 HOH HOH A . 
D 3 HOH 30 125 125 HOH HOH A . 
D 3 HOH 31 133 133 HOH HOH A . 
D 3 HOH 32 135 135 HOH HOH A . 
D 3 HOH 33 137 137 HOH HOH A . 
D 3 HOH 34 138 138 HOH HOH A . 
D 3 HOH 35 142 142 HOH HOH A . 
D 3 HOH 36 144 144 HOH HOH A . 
D 3 HOH 37 147 147 HOH HOH A . 
D 3 HOH 38 149 149 HOH HOH A . 
D 3 HOH 39 152 152 HOH HOH A . 
D 3 HOH 40 153 153 HOH HOH A . 
D 3 HOH 41 157 157 HOH HOH A . 
D 3 HOH 42 171 171 HOH HOH A . 
D 3 HOH 43 182 182 HOH HOH A . 
D 3 HOH 44 184 25  HOH ION A . 
D 3 HOH 45 185 25  HOH ION A . 
D 3 HOH 46 186 25  HOH ION A . 
D 3 HOH 47 187 25  HOH ION A . 
D 3 HOH 48 188 25  HOH ION A . 
E 3 HOH 1  29  29  HOH HOH B . 
E 3 HOH 2  34  34  HOH HOH B . 
E 3 HOH 3  41  41  HOH HOH B . 
E 3 HOH 4  42  42  HOH HOH B . 
E 3 HOH 5  43  43  HOH HOH B . 
E 3 HOH 6  46  46  HOH HOH B . 
E 3 HOH 7  48  48  HOH HOH B . 
E 3 HOH 8  53  53  HOH HOH B . 
E 3 HOH 9  54  54  HOH HOH B . 
E 3 HOH 10 56  56  HOH HOH B . 
E 3 HOH 11 68  68  HOH HOH B . 
E 3 HOH 12 79  79  HOH HOH B . 
E 3 HOH 13 87  87  HOH HOH B . 
E 3 HOH 14 88  88  HOH HOH B . 
E 3 HOH 15 89  89  HOH HOH B . 
E 3 HOH 16 98  98  HOH HOH B . 
E 3 HOH 17 99  99  HOH HOH B . 
E 3 HOH 18 106 106 HOH HOH B . 
E 3 HOH 19 108 108 HOH HOH B . 
E 3 HOH 20 109 109 HOH HOH B . 
E 3 HOH 21 110 110 HOH HOH B . 
E 3 HOH 22 122 122 HOH HOH B . 
E 3 HOH 23 123 123 HOH HOH B . 
E 3 HOH 24 126 126 HOH HOH B . 
E 3 HOH 25 136 136 HOH HOH B . 
E 3 HOH 26 141 141 HOH HOH B . 
E 3 HOH 27 148 148 HOH HOH B . 
E 3 HOH 28 150 150 HOH HOH B . 
E 3 HOH 29 160 160 HOH HOH B . 
E 3 HOH 30 161 161 HOH HOH B . 
E 3 HOH 31 162 162 HOH HOH B . 
E 3 HOH 32 169 169 HOH HOH B . 
E 3 HOH 33 181 181 HOH HOH B . 
E 3 HOH 34 183 25  HOH ION B . 
# 
loop_
_software.name 
_software.classification 
_software.version 
_software.citation_id 
_software.pdbx_ordinal 
SAINT 'data reduction' . ? 1 
CNS   refinement       . ? 2 
SAINT 'data scaling'   . ? 3 
CNS   phasing          . ? 4 
# 
_cell.entry_id           1NGT 
_cell.length_a           25.170 
_cell.length_b           41.050 
_cell.length_c           65.720 
_cell.angle_alpha        90.00 
_cell.angle_beta         90.00 
_cell.angle_gamma        90.00 
_cell.Z_PDB              8 
_cell.pdbx_unique_axis   ? 
# 
_symmetry.entry_id                         1NGT 
_symmetry.space_group_name_H-M             'P 21 21 21' 
_symmetry.pdbx_full_space_group_name_H-M   ? 
_symmetry.cell_setting                     ? 
_symmetry.Int_Tables_number                19 
# 
_exptl.entry_id          1NGT 
_exptl.method            'X-RAY DIFFRACTION' 
_exptl.crystals_number   1 
# 
_exptl_crystal.id                    1 
_exptl_crystal.density_meas          ? 
_exptl_crystal.density_Matthews      2.23 
_exptl_crystal.density_percent_sol   44.84 
_exptl_crystal.description           ? 
# 
_exptl_crystal_grow.crystal_id      1 
_exptl_crystal_grow.method          'VAPOR DIFFUSION, SITTING DROP' 
_exptl_crystal_grow.temp            295 
_exptl_crystal_grow.temp_details    ? 
_exptl_crystal_grow.pH              6.5 
_exptl_crystal_grow.pdbx_details    
'sodium cacodylate, MPD, magnesium chloride, spermine tetrahydrochloride, pH 6.5, VAPOR DIFFUSION, SITTING DROP, temperature 295K' 
_exptl_crystal_grow.pdbx_pH_range   . 
# 
loop_
_exptl_crystal_grow_comp.crystal_id 
_exptl_crystal_grow_comp.id 
_exptl_crystal_grow_comp.sol_id 
_exptl_crystal_grow_comp.name 
_exptl_crystal_grow_comp.volume 
_exptl_crystal_grow_comp.conc 
_exptl_crystal_grow_comp.details 
1 1 1 'sodium cacodylate'           ? ? ? 
1 2 1 MPD                           ? ? ? 
1 3 1 'magnesium chloride'          ? ? ? 
1 4 1 'spermine tetrahydrochloride' ? ? ? 
1 5 2 'sodium cacodylate'           ? ? ? 
1 6 2 MPD                           ? ? ? 
1 7 2 'magnesium chloride'          ? ? ? 
# 
_diffrn.id                     1 
_diffrn.ambient_temp           163 
_diffrn.ambient_temp_details   ? 
_diffrn.crystal_id             1 
# 
_diffrn_detector.diffrn_id              1 
_diffrn_detector.detector               CCD 
_diffrn_detector.type                   SIEMENS 
_diffrn_detector.pdbx_collection_date   2000-01-01 
_diffrn_detector.details                ? 
# 
_diffrn_radiation.diffrn_id                        1 
_diffrn_radiation.wavelength_id                    1 
_diffrn_radiation.pdbx_monochromatic_or_laue_m_l   M 
_diffrn_radiation.monochromator                    0.7107 
_diffrn_radiation.pdbx_diffrn_protocol             'SINGLE WAVELENGTH' 
_diffrn_radiation.pdbx_scattering_type             x-ray 
# 
_diffrn_radiation_wavelength.id           1 
_diffrn_radiation_wavelength.wavelength   0.7107 
_diffrn_radiation_wavelength.wt           1.0 
# 
_diffrn_source.diffrn_id                   1 
_diffrn_source.source                      'ROTATING ANODE' 
_diffrn_source.type                        SIEMENS 
_diffrn_source.pdbx_synchrotron_site       ? 
_diffrn_source.pdbx_synchrotron_beamline   ? 
_diffrn_source.pdbx_wavelength             ? 
_diffrn_source.pdbx_wavelength_list        0.7107 
# 
_reflns.entry_id                     1NGT 
_reflns.observed_criterion_sigma_F   3.00 
_reflns.observed_criterion_sigma_I   0.00 
_reflns.d_resolution_high            2.04 
_reflns.d_resolution_low             10 
_reflns.number_all                   4927 
_reflns.number_obs                   4393 
_reflns.percent_possible_obs         ? 
_reflns.pdbx_Rmerge_I_obs            ? 
_reflns.pdbx_Rsym_value              ? 
_reflns.pdbx_netI_over_sigmaI        ? 
_reflns.B_iso_Wilson_estimate        ? 
_reflns.pdbx_redundancy              ? 
_reflns.R_free_details               ? 
_reflns.pdbx_diffrn_id               1 
_reflns.pdbx_ordinal                 1 
# 
_reflns_shell.d_res_high             2.04 
_reflns_shell.d_res_low              2.11 
_reflns_shell.percent_possible_all   74 
_reflns_shell.Rmerge_I_obs           ? 
_reflns_shell.pdbx_Rsym_value        ? 
_reflns_shell.meanI_over_sigI_obs    ? 
_reflns_shell.pdbx_redundancy        ? 
_reflns_shell.percent_possible_obs   ? 
_reflns_shell.number_unique_all      ? 
_reflns_shell.pdbx_diffrn_id         ? 
_reflns_shell.pdbx_ordinal           1 
# 
_refine.entry_id                                 1NGT 
_refine.ls_d_res_high                            2.04 
_refine.ls_d_res_low                             10 
_refine.pdbx_ls_sigma_F                          3.0 
_refine.pdbx_ls_sigma_I                          ? 
_refine.ls_number_reflns_all                     4393 
_refine.ls_number_reflns_obs                     4393 
_refine.ls_number_reflns_R_free                  ? 
_refine.ls_percent_reflns_obs                    ? 
_refine.ls_R_factor_all                          0.223 
_refine.ls_R_factor_obs                          0.223 
_refine.ls_R_factor_R_work                       0.207 
_refine.ls_R_factor_R_free                       0.281 
_refine.ls_redundancy_reflns_obs                 ? 
_refine.pdbx_data_cutoff_high_absF               ? 
_refine.pdbx_data_cutoff_low_absF                ? 
_refine.ls_number_parameters                     ? 
_refine.ls_number_restraints                     ? 
_refine.ls_percent_reflns_R_free                 10 
_refine.ls_R_factor_R_free_error                 ? 
_refine.ls_R_factor_R_free_error_details         ? 
_refine.pdbx_method_to_determine_struct          'MOLECULAR REPLACEMENT' 
_refine.pdbx_starting_model                      ? 
_refine.pdbx_ls_cross_valid_method               ? 
_refine.pdbx_R_Free_selection_details            random 
_refine.pdbx_stereochem_target_val_spec_case     ? 
_refine.pdbx_stereochemistry_target_values       ? 
_refine.solvent_model_details                    ? 
_refine.solvent_model_param_bsol                 ? 
_refine.solvent_model_param_ksol                 ? 
_refine.occupancy_max                            ? 
_refine.occupancy_min                            ? 
_refine.pdbx_isotropic_thermal_model             ? 
_refine.B_iso_mean                               ? 
_refine.aniso_B[1][1]                            ? 
_refine.aniso_B[1][2]                            ? 
_refine.aniso_B[1][3]                            ? 
_refine.aniso_B[2][2]                            ? 
_refine.aniso_B[2][3]                            ? 
_refine.aniso_B[3][3]                            ? 
_refine.details                                  ? 
_refine.correlation_coeff_Fo_to_Fc               ? 
_refine.correlation_coeff_Fo_to_Fc_free          ? 
_refine.pdbx_solvent_vdw_probe_radii             ? 
_refine.pdbx_solvent_ion_probe_radii             ? 
_refine.pdbx_solvent_shrinkage_radii             ? 
_refine.overall_SU_R_Cruickshank_DPI             ? 
_refine.overall_SU_R_free                        ? 
_refine.overall_SU_B                             ? 
_refine.overall_SU_ML                            ? 
_refine.pdbx_overall_ESU_R                       ? 
_refine.pdbx_overall_ESU_R_Free                  ? 
_refine.pdbx_data_cutoff_high_rms_absF           ? 
_refine.pdbx_refine_id                           'X-RAY DIFFRACTION' 
_refine.pdbx_diffrn_id                           1 
_refine.pdbx_TLS_residual_ADP_flag               ? 
_refine.pdbx_overall_phase_error                 ? 
_refine.pdbx_overall_SU_R_free_Cruickshank_DPI   ? 
_refine.pdbx_overall_SU_R_Blow_DPI               ? 
_refine.pdbx_overall_SU_R_free_Blow_DPI          ? 
# 
_refine_hist.pdbx_refine_id                   'X-RAY DIFFRACTION' 
_refine_hist.cycle_id                         LAST 
_refine_hist.pdbx_number_atoms_protein        0 
_refine_hist.pdbx_number_atoms_nucleic_acid   484 
_refine_hist.pdbx_number_atoms_ligand         7 
_refine_hist.number_atoms_solvent             76 
_refine_hist.number_atoms_total               567 
_refine_hist.d_res_high                       2.04 
_refine_hist.d_res_low                        10 
# 
loop_
_refine_ls_restr.type 
_refine_ls_restr.dev_ideal 
_refine_ls_restr.dev_ideal_target 
_refine_ls_restr.weight 
_refine_ls_restr.number 
_refine_ls_restr.pdbx_refine_id 
_refine_ls_restr.pdbx_restraint_function 
c_bond_d    0.0086  ? ? ? 'X-RAY DIFFRACTION' ? 
c_angle_deg 1.22460 ? ? ? 'X-RAY DIFFRACTION' ? 
# 
_struct.entry_id                  1NGT 
_struct.title                     'The Role of Minor Groove Functional Groups in DNA Hydration' 
_struct.pdbx_model_details        ? 
_struct.pdbx_CASP_flag            ? 
_struct.pdbx_model_type_details   ? 
# 
_struct_keywords.entry_id        1NGT 
_struct_keywords.pdbx_keywords   DNA 
_struct_keywords.text            'spine of hydration, DNA conformation, modified base, DNA' 
# 
loop_
_struct_asym.id 
_struct_asym.pdbx_blank_PDB_chainid_flag 
_struct_asym.pdbx_modified 
_struct_asym.entity_id 
_struct_asym.details 
A N N 1 ? 
B N N 1 ? 
C N N 2 ? 
D N N 3 ? 
E N N 3 ? 
# 
_struct_ref.id                         1 
_struct_ref.entity_id                  1 
_struct_ref.db_name                    PDB 
_struct_ref.db_code                    1NGT 
_struct_ref.pdbx_db_accession          1NGT 
_struct_ref.pdbx_db_isoform            ? 
_struct_ref.pdbx_seq_one_letter_code   ? 
_struct_ref.pdbx_align_begin           ? 
# 
loop_
_struct_ref_seq.align_id 
_struct_ref_seq.ref_id 
_struct_ref_seq.pdbx_PDB_id_code 
_struct_ref_seq.pdbx_strand_id 
_struct_ref_seq.seq_align_beg 
_struct_ref_seq.pdbx_seq_align_beg_ins_code 
_struct_ref_seq.seq_align_end 
_struct_ref_seq.pdbx_seq_align_end_ins_code 
_struct_ref_seq.pdbx_db_accession 
_struct_ref_seq.db_align_beg 
_struct_ref_seq.pdbx_db_align_beg_ins_code 
_struct_ref_seq.db_align_end 
_struct_ref_seq.pdbx_db_align_end_ins_code 
_struct_ref_seq.pdbx_auth_seq_align_beg 
_struct_ref_seq.pdbx_auth_seq_align_end 
1 1 1NGT A 1 ? 12 ? 1NGT 1  ? 12 ? 1  12 
2 1 1NGT B 1 ? 12 ? 1NGT 13 ? 24 ? 13 24 
# 
_pdbx_struct_assembly.id                   1 
_pdbx_struct_assembly.details              author_defined_assembly 
_pdbx_struct_assembly.method_details       ? 
_pdbx_struct_assembly.oligomeric_details   dimeric 
_pdbx_struct_assembly.oligomeric_count     2 
# 
_pdbx_struct_assembly_gen.assembly_id       1 
_pdbx_struct_assembly_gen.oper_expression   1 
_pdbx_struct_assembly_gen.asym_id_list      A,B,C,D,E 
# 
_pdbx_struct_oper_list.id                   1 
_pdbx_struct_oper_list.type                 'identity operation' 
_pdbx_struct_oper_list.name                 1_555 
_pdbx_struct_oper_list.symmetry_operation   x,y,z 
_pdbx_struct_oper_list.matrix[1][1]         1.0000000000 
_pdbx_struct_oper_list.matrix[1][2]         0.0000000000 
_pdbx_struct_oper_list.matrix[1][3]         0.0000000000 
_pdbx_struct_oper_list.vector[1]            0.0000000000 
_pdbx_struct_oper_list.matrix[2][1]         0.0000000000 
_pdbx_struct_oper_list.matrix[2][2]         1.0000000000 
_pdbx_struct_oper_list.matrix[2][3]         0.0000000000 
_pdbx_struct_oper_list.vector[2]            0.0000000000 
_pdbx_struct_oper_list.matrix[3][1]         0.0000000000 
_pdbx_struct_oper_list.matrix[3][2]         0.0000000000 
_pdbx_struct_oper_list.matrix[3][3]         1.0000000000 
_pdbx_struct_oper_list.vector[3]            0.0000000000 
# 
_struct_biol.id                    1 
_struct_biol.pdbx_parent_biol_id   ? 
_struct_biol.details               ? 
# 
loop_
_struct_conn.id 
_struct_conn.conn_type_id 
_struct_conn.pdbx_leaving_atom_flag 
_struct_conn.pdbx_PDB_id 
_struct_conn.ptnr1_label_asym_id 
_struct_conn.ptnr1_label_comp_id 
_struct_conn.ptnr1_label_seq_id 
_struct_conn.ptnr1_label_atom_id 
_struct_conn.pdbx_ptnr1_label_alt_id 
_struct_conn.pdbx_ptnr1_PDB_ins_code 
_struct_conn.pdbx_ptnr1_standard_comp_id 
_struct_conn.ptnr1_symmetry 
_struct_conn.ptnr2_label_asym_id 
_struct_conn.ptnr2_label_comp_id 
_struct_conn.ptnr2_label_seq_id 
_struct_conn.ptnr2_label_atom_id 
_struct_conn.pdbx_ptnr2_label_alt_id 
_struct_conn.pdbx_ptnr2_PDB_ins_code 
_struct_conn.ptnr1_auth_asym_id 
_struct_conn.ptnr1_auth_comp_id 
_struct_conn.ptnr1_auth_seq_id 
_struct_conn.ptnr2_auth_asym_id 
_struct_conn.ptnr2_auth_comp_id 
_struct_conn.ptnr2_auth_seq_id 
_struct_conn.ptnr2_symmetry 
_struct_conn.pdbx_ptnr3_label_atom_id 
_struct_conn.pdbx_ptnr3_label_seq_id 
_struct_conn.pdbx_ptnr3_label_comp_id 
_struct_conn.pdbx_ptnr3_label_asym_id 
_struct_conn.pdbx_ptnr3_label_alt_id 
_struct_conn.pdbx_ptnr3_PDB_ins_code 
_struct_conn.details 
_struct_conn.pdbx_dist_value 
_struct_conn.pdbx_value_order 
_struct_conn.pdbx_role 
covale1  covale both ? A DA  6  "O3'" ? ? ? 1_555 A MTR 7  P  ? ? A DA  6  A MTR 7   1_555 ? ? ? ? ? ? ?            1.603 ? ? 
covale2  covale both ? A MTR 7  "O3'" ? ? ? 1_555 A DT  8  P  ? ? A MTR 7  A DT  8   1_555 ? ? ? ? ? ? ?            1.601 ? ? 
covale3  covale both ? B DA  6  "O3'" ? ? ? 1_555 B MTR 7  P  ? ? B DA  18 B MTR 19  1_555 ? ? ? ? ? ? ?            1.606 ? ? 
covale4  covale both ? B MTR 7  "O3'" ? ? ? 1_555 B DT  8  P  ? ? B MTR 19 B DT  20  1_555 ? ? ? ? ? ? ?            1.601 ? ? 
metalc1  metalc ?    ? C MG  .  MG    ? ? ? 1_555 D HOH .  O  ? ? A MG  25 A HOH 184 1_555 ? ? ? ? ? ? ?            2.038 ? ? 
metalc2  metalc ?    ? C MG  .  MG    ? ? ? 1_555 D HOH .  O  ? ? A MG  25 A HOH 185 1_555 ? ? ? ? ? ? ?            1.998 ? ? 
metalc3  metalc ?    ? C MG  .  MG    ? ? ? 1_555 D HOH .  O  ? ? A MG  25 A HOH 186 1_555 ? ? ? ? ? ? ?            1.964 ? ? 
metalc4  metalc ?    ? C MG  .  MG    ? ? ? 1_555 D HOH .  O  ? ? A MG  25 A HOH 187 1_555 ? ? ? ? ? ? ?            2.091 ? ? 
metalc5  metalc ?    ? C MG  .  MG    ? ? ? 1_555 D HOH .  O  ? ? A MG  25 A HOH 188 1_555 ? ? ? ? ? ? ?            1.988 ? ? 
metalc6  metalc ?    ? C MG  .  MG    ? ? ? 1_555 E HOH .  O  ? ? A MG  25 B HOH 183 1_555 ? ? ? ? ? ? ?            1.984 ? ? 
hydrog1  hydrog ?    ? A DC  1  N3    ? ? ? 1_555 B DG  12 N1 ? ? A DC  1  B DG  24  1_555 ? ? ? ? ? ? WATSON-CRICK ?     ? ? 
hydrog2  hydrog ?    ? A DC  1  N4    ? ? ? 1_555 B DG  12 O6 ? ? A DC  1  B DG  24  1_555 ? ? ? ? ? ? WATSON-CRICK ?     ? ? 
hydrog3  hydrog ?    ? A DC  1  O2    ? ? ? 1_555 B DG  12 N2 ? ? A DC  1  B DG  24  1_555 ? ? ? ? ? ? WATSON-CRICK ?     ? ? 
hydrog4  hydrog ?    ? A DG  2  N1    ? ? ? 1_555 B DC  11 N3 ? ? A DG  2  B DC  23  1_555 ? ? ? ? ? ? WATSON-CRICK ?     ? ? 
hydrog5  hydrog ?    ? A DG  2  N2    ? ? ? 1_555 B DC  11 O2 ? ? A DG  2  B DC  23  1_555 ? ? ? ? ? ? WATSON-CRICK ?     ? ? 
hydrog6  hydrog ?    ? A DG  2  O6    ? ? ? 1_555 B DC  11 N4 ? ? A DG  2  B DC  23  1_555 ? ? ? ? ? ? WATSON-CRICK ?     ? ? 
hydrog7  hydrog ?    ? A DC  3  N3    ? ? ? 1_555 B DG  10 N1 ? ? A DC  3  B DG  22  1_555 ? ? ? ? ? ? WATSON-CRICK ?     ? ? 
hydrog8  hydrog ?    ? A DC  3  N4    ? ? ? 1_555 B DG  10 O6 ? ? A DC  3  B DG  22  1_555 ? ? ? ? ? ? WATSON-CRICK ?     ? ? 
hydrog9  hydrog ?    ? A DC  3  O2    ? ? ? 1_555 B DG  10 N2 ? ? A DC  3  B DG  22  1_555 ? ? ? ? ? ? WATSON-CRICK ?     ? ? 
hydrog10 hydrog ?    ? A DG  4  N1    ? ? ? 1_555 B DC  9  N3 ? ? A DG  4  B DC  21  1_555 ? ? ? ? ? ? WATSON-CRICK ?     ? ? 
hydrog11 hydrog ?    ? A DG  4  N2    ? ? ? 1_555 B DC  9  O2 ? ? A DG  4  B DC  21  1_555 ? ? ? ? ? ? WATSON-CRICK ?     ? ? 
hydrog12 hydrog ?    ? A DG  4  O6    ? ? ? 1_555 B DC  9  N4 ? ? A DG  4  B DC  21  1_555 ? ? ? ? ? ? WATSON-CRICK ?     ? ? 
hydrog13 hydrog ?    ? A DA  5  N1    ? ? ? 1_555 B DT  8  N3 ? ? A DA  5  B DT  20  1_555 ? ? ? ? ? ? WATSON-CRICK ?     ? ? 
hydrog14 hydrog ?    ? A DA  5  N6    ? ? ? 1_555 B DT  8  O4 ? ? A DA  5  B DT  20  1_555 ? ? ? ? ? ? WATSON-CRICK ?     ? ? 
hydrog15 hydrog ?    ? A DA  6  N1    ? ? ? 1_555 B MTR 7  N3 ? ? A DA  6  B MTR 19  1_555 ? ? ? ? ? ? WATSON-CRICK ?     ? ? 
hydrog16 hydrog ?    ? A DA  6  N6    ? ? ? 1_555 B MTR 7  O4 ? ? A DA  6  B MTR 19  1_555 ? ? ? ? ? ? WATSON-CRICK ?     ? ? 
hydrog17 hydrog ?    ? A MTR 7  N3    ? ? ? 1_555 B DA  6  N1 ? ? A MTR 7  B DA  18  1_555 ? ? ? ? ? ? WATSON-CRICK ?     ? ? 
hydrog18 hydrog ?    ? A MTR 7  O4    ? ? ? 1_555 B DA  6  N6 ? ? A MTR 7  B DA  18  1_555 ? ? ? ? ? ? WATSON-CRICK ?     ? ? 
hydrog19 hydrog ?    ? A DT  8  N3    ? ? ? 1_555 B DA  5  N1 ? ? A DT  8  B DA  17  1_555 ? ? ? ? ? ? WATSON-CRICK ?     ? ? 
hydrog20 hydrog ?    ? A DT  8  O4    ? ? ? 1_555 B DA  5  N6 ? ? A DT  8  B DA  17  1_555 ? ? ? ? ? ? WATSON-CRICK ?     ? ? 
hydrog21 hydrog ?    ? A DC  9  N3    ? ? ? 1_555 B DG  4  N1 ? ? A DC  9  B DG  16  1_555 ? ? ? ? ? ? WATSON-CRICK ?     ? ? 
hydrog22 hydrog ?    ? A DC  9  N4    ? ? ? 1_555 B DG  4  O6 ? ? A DC  9  B DG  16  1_555 ? ? ? ? ? ? WATSON-CRICK ?     ? ? 
hydrog23 hydrog ?    ? A DC  9  O2    ? ? ? 1_555 B DG  4  N2 ? ? A DC  9  B DG  16  1_555 ? ? ? ? ? ? WATSON-CRICK ?     ? ? 
hydrog24 hydrog ?    ? A DG  10 N1    ? ? ? 1_555 B DC  3  N3 ? ? A DG  10 B DC  15  1_555 ? ? ? ? ? ? WATSON-CRICK ?     ? ? 
hydrog25 hydrog ?    ? A DG  10 N2    ? ? ? 1_555 B DC  3  O2 ? ? A DG  10 B DC  15  1_555 ? ? ? ? ? ? WATSON-CRICK ?     ? ? 
hydrog26 hydrog ?    ? A DG  10 O6    ? ? ? 1_555 B DC  3  N4 ? ? A DG  10 B DC  15  1_555 ? ? ? ? ? ? WATSON-CRICK ?     ? ? 
hydrog27 hydrog ?    ? A DC  11 N3    ? ? ? 1_555 B DG  2  N1 ? ? A DC  11 B DG  14  1_555 ? ? ? ? ? ? WATSON-CRICK ?     ? ? 
hydrog28 hydrog ?    ? A DC  11 N4    ? ? ? 1_555 B DG  2  O6 ? ? A DC  11 B DG  14  1_555 ? ? ? ? ? ? WATSON-CRICK ?     ? ? 
hydrog29 hydrog ?    ? A DC  11 O2    ? ? ? 1_555 B DG  2  N2 ? ? A DC  11 B DG  14  1_555 ? ? ? ? ? ? WATSON-CRICK ?     ? ? 
hydrog30 hydrog ?    ? A DG  12 N1    ? ? ? 1_555 B DC  1  N3 ? ? A DG  12 B DC  13  1_555 ? ? ? ? ? ? WATSON-CRICK ?     ? ? 
hydrog31 hydrog ?    ? A DG  12 N2    ? ? ? 1_555 B DC  1  O2 ? ? A DG  12 B DC  13  1_555 ? ? ? ? ? ? WATSON-CRICK ?     ? ? 
hydrog32 hydrog ?    ? A DG  12 O6    ? ? ? 1_555 B DC  1  N4 ? ? A DG  12 B DC  13  1_555 ? ? ? ? ? ? WATSON-CRICK ?     ? ? 
# 
loop_
_struct_conn_type.id 
_struct_conn_type.criteria 
_struct_conn_type.reference 
covale ? ? 
metalc ? ? 
hydrog ? ? 
# 
loop_
_pdbx_struct_conn_angle.id 
_pdbx_struct_conn_angle.ptnr1_label_atom_id 
_pdbx_struct_conn_angle.ptnr1_label_alt_id 
_pdbx_struct_conn_angle.ptnr1_label_asym_id 
_pdbx_struct_conn_angle.ptnr1_label_comp_id 
_pdbx_struct_conn_angle.ptnr1_label_seq_id 
_pdbx_struct_conn_angle.ptnr1_auth_atom_id 
_pdbx_struct_conn_angle.ptnr1_auth_asym_id 
_pdbx_struct_conn_angle.ptnr1_auth_comp_id 
_pdbx_struct_conn_angle.ptnr1_auth_seq_id 
_pdbx_struct_conn_angle.ptnr1_PDB_ins_code 
_pdbx_struct_conn_angle.ptnr1_symmetry 
_pdbx_struct_conn_angle.ptnr2_label_atom_id 
_pdbx_struct_conn_angle.ptnr2_label_alt_id 
_pdbx_struct_conn_angle.ptnr2_label_asym_id 
_pdbx_struct_conn_angle.ptnr2_label_comp_id 
_pdbx_struct_conn_angle.ptnr2_label_seq_id 
_pdbx_struct_conn_angle.ptnr2_auth_atom_id 
_pdbx_struct_conn_angle.ptnr2_auth_asym_id 
_pdbx_struct_conn_angle.ptnr2_auth_comp_id 
_pdbx_struct_conn_angle.ptnr2_auth_seq_id 
_pdbx_struct_conn_angle.ptnr2_PDB_ins_code 
_pdbx_struct_conn_angle.ptnr2_symmetry 
_pdbx_struct_conn_angle.ptnr3_label_atom_id 
_pdbx_struct_conn_angle.ptnr3_label_alt_id 
_pdbx_struct_conn_angle.ptnr3_label_asym_id 
_pdbx_struct_conn_angle.ptnr3_label_comp_id 
_pdbx_struct_conn_angle.ptnr3_label_seq_id 
_pdbx_struct_conn_angle.ptnr3_auth_atom_id 
_pdbx_struct_conn_angle.ptnr3_auth_asym_id 
_pdbx_struct_conn_angle.ptnr3_auth_comp_id 
_pdbx_struct_conn_angle.ptnr3_auth_seq_id 
_pdbx_struct_conn_angle.ptnr3_PDB_ins_code 
_pdbx_struct_conn_angle.ptnr3_symmetry 
_pdbx_struct_conn_angle.value 
_pdbx_struct_conn_angle.value_esd 
1  O ? D HOH . ? A HOH 184 ? 1_555 MG ? C MG . ? A MG 25 ? 1_555 O ? D HOH . ? A HOH 185 ? 1_555 92.6  ? 
2  O ? D HOH . ? A HOH 184 ? 1_555 MG ? C MG . ? A MG 25 ? 1_555 O ? D HOH . ? A HOH 186 ? 1_555 175.4 ? 
3  O ? D HOH . ? A HOH 185 ? 1_555 MG ? C MG . ? A MG 25 ? 1_555 O ? D HOH . ? A HOH 186 ? 1_555 83.8  ? 
4  O ? D HOH . ? A HOH 184 ? 1_555 MG ? C MG . ? A MG 25 ? 1_555 O ? D HOH . ? A HOH 187 ? 1_555 86.3  ? 
5  O ? D HOH . ? A HOH 185 ? 1_555 MG ? C MG . ? A MG 25 ? 1_555 O ? D HOH . ? A HOH 187 ? 1_555 77.1  ? 
6  O ? D HOH . ? A HOH 186 ? 1_555 MG ? C MG . ? A MG 25 ? 1_555 O ? D HOH . ? A HOH 187 ? 1_555 90.1  ? 
7  O ? D HOH . ? A HOH 184 ? 1_555 MG ? C MG . ? A MG 25 ? 1_555 O ? D HOH . ? A HOH 188 ? 1_555 96.0  ? 
8  O ? D HOH . ? A HOH 185 ? 1_555 MG ? C MG . ? A MG 25 ? 1_555 O ? D HOH . ? A HOH 188 ? 1_555 95.4  ? 
9  O ? D HOH . ? A HOH 186 ? 1_555 MG ? C MG . ? A MG 25 ? 1_555 O ? D HOH . ? A HOH 188 ? 1_555 87.1  ? 
10 O ? D HOH . ? A HOH 187 ? 1_555 MG ? C MG . ? A MG 25 ? 1_555 O ? D HOH . ? A HOH 188 ? 1_555 172.3 ? 
11 O ? D HOH . ? A HOH 184 ? 1_555 MG ? C MG . ? A MG 25 ? 1_555 O ? E HOH . ? B HOH 183 ? 1_555 94.4  ? 
12 O ? D HOH . ? A HOH 185 ? 1_555 MG ? C MG . ? A MG 25 ? 1_555 O ? E HOH . ? B HOH 183 ? 1_555 168.2 ? 
13 O ? D HOH . ? A HOH 186 ? 1_555 MG ? C MG . ? A MG 25 ? 1_555 O ? E HOH . ? B HOH 183 ? 1_555 88.7  ? 
14 O ? D HOH . ? A HOH 187 ? 1_555 MG ? C MG . ? A MG 25 ? 1_555 O ? E HOH . ? B HOH 183 ? 1_555 93.8  ? 
15 O ? D HOH . ? A HOH 188 ? 1_555 MG ? C MG . ? A MG 25 ? 1_555 O ? E HOH . ? B HOH 183 ? 1_555 93.3  ? 
# 
_struct_site.id                   AC1 
_struct_site.pdbx_evidence_code   Software 
_struct_site.pdbx_auth_asym_id    A 
_struct_site.pdbx_auth_comp_id    MG 
_struct_site.pdbx_auth_seq_id     25 
_struct_site.pdbx_auth_ins_code   ? 
_struct_site.pdbx_num_residues    6 
_struct_site.details              'BINDING SITE FOR RESIDUE MG A 25' 
# 
loop_
_struct_site_gen.id 
_struct_site_gen.site_id 
_struct_site_gen.pdbx_num_res 
_struct_site_gen.label_comp_id 
_struct_site_gen.label_asym_id 
_struct_site_gen.label_seq_id 
_struct_site_gen.pdbx_auth_ins_code 
_struct_site_gen.auth_comp_id 
_struct_site_gen.auth_asym_id 
_struct_site_gen.auth_seq_id 
_struct_site_gen.label_atom_id 
_struct_site_gen.label_alt_id 
_struct_site_gen.symmetry 
_struct_site_gen.details 
1 AC1 6 HOH D . ? HOH A 184 . ? 1_555 ? 
2 AC1 6 HOH D . ? HOH A 185 . ? 1_555 ? 
3 AC1 6 HOH D . ? HOH A 186 . ? 1_555 ? 
4 AC1 6 HOH D . ? HOH A 187 . ? 1_555 ? 
5 AC1 6 HOH D . ? HOH A 188 . ? 1_555 ? 
6 AC1 6 HOH E . ? HOH B 183 . ? 1_555 ? 
# 
loop_
_pdbx_struct_mod_residue.id 
_pdbx_struct_mod_residue.label_asym_id 
_pdbx_struct_mod_residue.label_comp_id 
_pdbx_struct_mod_residue.label_seq_id 
_pdbx_struct_mod_residue.auth_asym_id 
_pdbx_struct_mod_residue.auth_comp_id 
_pdbx_struct_mod_residue.auth_seq_id 
_pdbx_struct_mod_residue.PDB_ins_code 
_pdbx_struct_mod_residue.parent_comp_id 
_pdbx_struct_mod_residue.details 
1 A MTR 7 A MTR 7  ? DT ? 
2 B MTR 7 B MTR 19 ? DT ? 
# 
loop_
_chem_comp_atom.comp_id 
_chem_comp_atom.atom_id 
_chem_comp_atom.type_symbol 
_chem_comp_atom.pdbx_aromatic_flag 
_chem_comp_atom.pdbx_stereo_config 
_chem_comp_atom.pdbx_ordinal 
DA  OP3    O  N N 1   
DA  P      P  N N 2   
DA  OP1    O  N N 3   
DA  OP2    O  N N 4   
DA  "O5'"  O  N N 5   
DA  "C5'"  C  N N 6   
DA  "C4'"  C  N R 7   
DA  "O4'"  O  N N 8   
DA  "C3'"  C  N S 9   
DA  "O3'"  O  N N 10  
DA  "C2'"  C  N N 11  
DA  "C1'"  C  N R 12  
DA  N9     N  Y N 13  
DA  C8     C  Y N 14  
DA  N7     N  Y N 15  
DA  C5     C  Y N 16  
DA  C6     C  Y N 17  
DA  N6     N  N N 18  
DA  N1     N  Y N 19  
DA  C2     C  Y N 20  
DA  N3     N  Y N 21  
DA  C4     C  Y N 22  
DA  HOP3   H  N N 23  
DA  HOP2   H  N N 24  
DA  "H5'"  H  N N 25  
DA  "H5''" H  N N 26  
DA  "H4'"  H  N N 27  
DA  "H3'"  H  N N 28  
DA  "HO3'" H  N N 29  
DA  "H2'"  H  N N 30  
DA  "H2''" H  N N 31  
DA  "H1'"  H  N N 32  
DA  H8     H  N N 33  
DA  H61    H  N N 34  
DA  H62    H  N N 35  
DA  H2     H  N N 36  
DC  OP3    O  N N 37  
DC  P      P  N N 38  
DC  OP1    O  N N 39  
DC  OP2    O  N N 40  
DC  "O5'"  O  N N 41  
DC  "C5'"  C  N N 42  
DC  "C4'"  C  N R 43  
DC  "O4'"  O  N N 44  
DC  "C3'"  C  N S 45  
DC  "O3'"  O  N N 46  
DC  "C2'"  C  N N 47  
DC  "C1'"  C  N R 48  
DC  N1     N  N N 49  
DC  C2     C  N N 50  
DC  O2     O  N N 51  
DC  N3     N  N N 52  
DC  C4     C  N N 53  
DC  N4     N  N N 54  
DC  C5     C  N N 55  
DC  C6     C  N N 56  
DC  HOP3   H  N N 57  
DC  HOP2   H  N N 58  
DC  "H5'"  H  N N 59  
DC  "H5''" H  N N 60  
DC  "H4'"  H  N N 61  
DC  "H3'"  H  N N 62  
DC  "HO3'" H  N N 63  
DC  "H2'"  H  N N 64  
DC  "H2''" H  N N 65  
DC  "H1'"  H  N N 66  
DC  H41    H  N N 67  
DC  H42    H  N N 68  
DC  H5     H  N N 69  
DC  H6     H  N N 70  
DG  OP3    O  N N 71  
DG  P      P  N N 72  
DG  OP1    O  N N 73  
DG  OP2    O  N N 74  
DG  "O5'"  O  N N 75  
DG  "C5'"  C  N N 76  
DG  "C4'"  C  N R 77  
DG  "O4'"  O  N N 78  
DG  "C3'"  C  N S 79  
DG  "O3'"  O  N N 80  
DG  "C2'"  C  N N 81  
DG  "C1'"  C  N R 82  
DG  N9     N  Y N 83  
DG  C8     C  Y N 84  
DG  N7     N  Y N 85  
DG  C5     C  Y N 86  
DG  C6     C  N N 87  
DG  O6     O  N N 88  
DG  N1     N  N N 89  
DG  C2     C  N N 90  
DG  N2     N  N N 91  
DG  N3     N  N N 92  
DG  C4     C  Y N 93  
DG  HOP3   H  N N 94  
DG  HOP2   H  N N 95  
DG  "H5'"  H  N N 96  
DG  "H5''" H  N N 97  
DG  "H4'"  H  N N 98  
DG  "H3'"  H  N N 99  
DG  "HO3'" H  N N 100 
DG  "H2'"  H  N N 101 
DG  "H2''" H  N N 102 
DG  "H1'"  H  N N 103 
DG  H8     H  N N 104 
DG  H1     H  N N 105 
DG  H21    H  N N 106 
DG  H22    H  N N 107 
DT  OP3    O  N N 108 
DT  P      P  N N 109 
DT  OP1    O  N N 110 
DT  OP2    O  N N 111 
DT  "O5'"  O  N N 112 
DT  "C5'"  C  N N 113 
DT  "C4'"  C  N R 114 
DT  "O4'"  O  N N 115 
DT  "C3'"  C  N S 116 
DT  "O3'"  O  N N 117 
DT  "C2'"  C  N N 118 
DT  "C1'"  C  N R 119 
DT  N1     N  N N 120 
DT  C2     C  N N 121 
DT  O2     O  N N 122 
DT  N3     N  N N 123 
DT  C4     C  N N 124 
DT  O4     O  N N 125 
DT  C5     C  N N 126 
DT  C7     C  N N 127 
DT  C6     C  N N 128 
DT  HOP3   H  N N 129 
DT  HOP2   H  N N 130 
DT  "H5'"  H  N N 131 
DT  "H5''" H  N N 132 
DT  "H4'"  H  N N 133 
DT  "H3'"  H  N N 134 
DT  "HO3'" H  N N 135 
DT  "H2'"  H  N N 136 
DT  "H2''" H  N N 137 
DT  "H1'"  H  N N 138 
DT  H3     H  N N 139 
DT  H71    H  N N 140 
DT  H72    H  N N 141 
DT  H73    H  N N 142 
DT  H6     H  N N 143 
HOH O      O  N N 144 
HOH H1     H  N N 145 
HOH H2     H  N N 146 
MG  MG     MG N N 147 
MTR P      P  N N 148 
MTR OP1    O  N N 149 
MTR OP2    O  N N 150 
MTR "O5'"  O  N N 151 
MTR C1     C  N N 152 
MTR C6     C  N N 153 
MTR C2     C  N N 154 
MTR N3     N  N N 155 
MTR C4     C  N N 156 
MTR O4     O  N N 157 
MTR C5     C  N N 158 
MTR C5M    C  N N 159 
MTR "C2'"  C  N N 160 
MTR "C5'"  C  N N 161 
MTR "C4'"  C  N R 162 
MTR "O4'"  O  N N 163 
MTR "C1'"  C  N R 164 
MTR "C3'"  C  N S 165 
MTR "O3'"  O  N N 166 
MTR OP3    O  N N 167 
MTR HOP2   H  N N 168 
MTR H6     H  N N 169 
MTR H2     H  N N 170 
MTR H3     H  N N 171 
MTR H71    H  N N 172 
MTR H72    H  N N 173 
MTR H73    H  N N 174 
MTR "H2'"  H  N N 175 
MTR "H2''" H  N N 176 
MTR "H5'"  H  N N 177 
MTR "H5''" H  N N 178 
MTR "H4'"  H  N N 179 
MTR "H1'"  H  N N 180 
MTR "H3'"  H  N N 181 
MTR "HO3'" H  N N 182 
MTR HOP3   H  N N 183 
# 
loop_
_chem_comp_bond.comp_id 
_chem_comp_bond.atom_id_1 
_chem_comp_bond.atom_id_2 
_chem_comp_bond.value_order 
_chem_comp_bond.pdbx_aromatic_flag 
_chem_comp_bond.pdbx_stereo_config 
_chem_comp_bond.pdbx_ordinal 
DA  OP3   P      sing N N 1   
DA  OP3   HOP3   sing N N 2   
DA  P     OP1    doub N N 3   
DA  P     OP2    sing N N 4   
DA  P     "O5'"  sing N N 5   
DA  OP2   HOP2   sing N N 6   
DA  "O5'" "C5'"  sing N N 7   
DA  "C5'" "C4'"  sing N N 8   
DA  "C5'" "H5'"  sing N N 9   
DA  "C5'" "H5''" sing N N 10  
DA  "C4'" "O4'"  sing N N 11  
DA  "C4'" "C3'"  sing N N 12  
DA  "C4'" "H4'"  sing N N 13  
DA  "O4'" "C1'"  sing N N 14  
DA  "C3'" "O3'"  sing N N 15  
DA  "C3'" "C2'"  sing N N 16  
DA  "C3'" "H3'"  sing N N 17  
DA  "O3'" "HO3'" sing N N 18  
DA  "C2'" "C1'"  sing N N 19  
DA  "C2'" "H2'"  sing N N 20  
DA  "C2'" "H2''" sing N N 21  
DA  "C1'" N9     sing N N 22  
DA  "C1'" "H1'"  sing N N 23  
DA  N9    C8     sing Y N 24  
DA  N9    C4     sing Y N 25  
DA  C8    N7     doub Y N 26  
DA  C8    H8     sing N N 27  
DA  N7    C5     sing Y N 28  
DA  C5    C6     sing Y N 29  
DA  C5    C4     doub Y N 30  
DA  C6    N6     sing N N 31  
DA  C6    N1     doub Y N 32  
DA  N6    H61    sing N N 33  
DA  N6    H62    sing N N 34  
DA  N1    C2     sing Y N 35  
DA  C2    N3     doub Y N 36  
DA  C2    H2     sing N N 37  
DA  N3    C4     sing Y N 38  
DC  OP3   P      sing N N 39  
DC  OP3   HOP3   sing N N 40  
DC  P     OP1    doub N N 41  
DC  P     OP2    sing N N 42  
DC  P     "O5'"  sing N N 43  
DC  OP2   HOP2   sing N N 44  
DC  "O5'" "C5'"  sing N N 45  
DC  "C5'" "C4'"  sing N N 46  
DC  "C5'" "H5'"  sing N N 47  
DC  "C5'" "H5''" sing N N 48  
DC  "C4'" "O4'"  sing N N 49  
DC  "C4'" "C3'"  sing N N 50  
DC  "C4'" "H4'"  sing N N 51  
DC  "O4'" "C1'"  sing N N 52  
DC  "C3'" "O3'"  sing N N 53  
DC  "C3'" "C2'"  sing N N 54  
DC  "C3'" "H3'"  sing N N 55  
DC  "O3'" "HO3'" sing N N 56  
DC  "C2'" "C1'"  sing N N 57  
DC  "C2'" "H2'"  sing N N 58  
DC  "C2'" "H2''" sing N N 59  
DC  "C1'" N1     sing N N 60  
DC  "C1'" "H1'"  sing N N 61  
DC  N1    C2     sing N N 62  
DC  N1    C6     sing N N 63  
DC  C2    O2     doub N N 64  
DC  C2    N3     sing N N 65  
DC  N3    C4     doub N N 66  
DC  C4    N4     sing N N 67  
DC  C4    C5     sing N N 68  
DC  N4    H41    sing N N 69  
DC  N4    H42    sing N N 70  
DC  C5    C6     doub N N 71  
DC  C5    H5     sing N N 72  
DC  C6    H6     sing N N 73  
DG  OP3   P      sing N N 74  
DG  OP3   HOP3   sing N N 75  
DG  P     OP1    doub N N 76  
DG  P     OP2    sing N N 77  
DG  P     "O5'"  sing N N 78  
DG  OP2   HOP2   sing N N 79  
DG  "O5'" "C5'"  sing N N 80  
DG  "C5'" "C4'"  sing N N 81  
DG  "C5'" "H5'"  sing N N 82  
DG  "C5'" "H5''" sing N N 83  
DG  "C4'" "O4'"  sing N N 84  
DG  "C4'" "C3'"  sing N N 85  
DG  "C4'" "H4'"  sing N N 86  
DG  "O4'" "C1'"  sing N N 87  
DG  "C3'" "O3'"  sing N N 88  
DG  "C3'" "C2'"  sing N N 89  
DG  "C3'" "H3'"  sing N N 90  
DG  "O3'" "HO3'" sing N N 91  
DG  "C2'" "C1'"  sing N N 92  
DG  "C2'" "H2'"  sing N N 93  
DG  "C2'" "H2''" sing N N 94  
DG  "C1'" N9     sing N N 95  
DG  "C1'" "H1'"  sing N N 96  
DG  N9    C8     sing Y N 97  
DG  N9    C4     sing Y N 98  
DG  C8    N7     doub Y N 99  
DG  C8    H8     sing N N 100 
DG  N7    C5     sing Y N 101 
DG  C5    C6     sing N N 102 
DG  C5    C4     doub Y N 103 
DG  C6    O6     doub N N 104 
DG  C6    N1     sing N N 105 
DG  N1    C2     sing N N 106 
DG  N1    H1     sing N N 107 
DG  C2    N2     sing N N 108 
DG  C2    N3     doub N N 109 
DG  N2    H21    sing N N 110 
DG  N2    H22    sing N N 111 
DG  N3    C4     sing N N 112 
DT  OP3   P      sing N N 113 
DT  OP3   HOP3   sing N N 114 
DT  P     OP1    doub N N 115 
DT  P     OP2    sing N N 116 
DT  P     "O5'"  sing N N 117 
DT  OP2   HOP2   sing N N 118 
DT  "O5'" "C5'"  sing N N 119 
DT  "C5'" "C4'"  sing N N 120 
DT  "C5'" "H5'"  sing N N 121 
DT  "C5'" "H5''" sing N N 122 
DT  "C4'" "O4'"  sing N N 123 
DT  "C4'" "C3'"  sing N N 124 
DT  "C4'" "H4'"  sing N N 125 
DT  "O4'" "C1'"  sing N N 126 
DT  "C3'" "O3'"  sing N N 127 
DT  "C3'" "C2'"  sing N N 128 
DT  "C3'" "H3'"  sing N N 129 
DT  "O3'" "HO3'" sing N N 130 
DT  "C2'" "C1'"  sing N N 131 
DT  "C2'" "H2'"  sing N N 132 
DT  "C2'" "H2''" sing N N 133 
DT  "C1'" N1     sing N N 134 
DT  "C1'" "H1'"  sing N N 135 
DT  N1    C2     sing N N 136 
DT  N1    C6     sing N N 137 
DT  C2    O2     doub N N 138 
DT  C2    N3     sing N N 139 
DT  N3    C4     sing N N 140 
DT  N3    H3     sing N N 141 
DT  C4    O4     doub N N 142 
DT  C4    C5     sing N N 143 
DT  C5    C7     sing N N 144 
DT  C5    C6     doub N N 145 
DT  C7    H71    sing N N 146 
DT  C7    H72    sing N N 147 
DT  C7    H73    sing N N 148 
DT  C6    H6     sing N N 149 
HOH O     H1     sing N N 150 
HOH O     H2     sing N N 151 
MTR P     OP1    doub N N 152 
MTR P     OP2    sing N N 153 
MTR P     "O5'"  sing N N 154 
MTR P     OP3    sing N N 155 
MTR OP2   HOP2   sing N N 156 
MTR "O5'" "C5'"  sing N N 157 
MTR C1    C6     sing N N 158 
MTR C1    C2     doub N N 159 
MTR C1    "C1'"  sing N N 160 
MTR C6    C5     doub N N 161 
MTR C6    H6     sing N N 162 
MTR C2    N3     sing N N 163 
MTR C2    H2     sing N N 164 
MTR N3    C4     sing N N 165 
MTR N3    H3     sing N N 166 
MTR C4    O4     doub N N 167 
MTR C4    C5     sing N N 168 
MTR C5    C5M    sing N N 169 
MTR C5M   H71    sing N N 170 
MTR C5M   H72    sing N N 171 
MTR C5M   H73    sing N N 172 
MTR "C2'" "C1'"  sing N N 173 
MTR "C2'" "C3'"  sing N N 174 
MTR "C2'" "H2'"  sing N N 175 
MTR "C2'" "H2''" sing N N 176 
MTR "C5'" "C4'"  sing N N 177 
MTR "C5'" "H5'"  sing N N 178 
MTR "C5'" "H5''" sing N N 179 
MTR "C4'" "O4'"  sing N N 180 
MTR "C4'" "C3'"  sing N N 181 
MTR "C4'" "H4'"  sing N N 182 
MTR "O4'" "C1'"  sing N N 183 
MTR "C1'" "H1'"  sing N N 184 
MTR "C3'" "O3'"  sing N N 185 
MTR "C3'" "H3'"  sing N N 186 
MTR "O3'" "HO3'" sing N N 187 
MTR OP3   HOP3   sing N N 188 
# 
_ndb_struct_conf_na.entry_id   1NGT 
_ndb_struct_conf_na.feature    'b-form double helix' 
# 
loop_
_ndb_struct_na_base_pair.model_number 
_ndb_struct_na_base_pair.i_label_asym_id 
_ndb_struct_na_base_pair.i_label_comp_id 
_ndb_struct_na_base_pair.i_label_seq_id 
_ndb_struct_na_base_pair.i_symmetry 
_ndb_struct_na_base_pair.j_label_asym_id 
_ndb_struct_na_base_pair.j_label_comp_id 
_ndb_struct_na_base_pair.j_label_seq_id 
_ndb_struct_na_base_pair.j_symmetry 
_ndb_struct_na_base_pair.shear 
_ndb_struct_na_base_pair.stretch 
_ndb_struct_na_base_pair.stagger 
_ndb_struct_na_base_pair.buckle 
_ndb_struct_na_base_pair.propeller 
_ndb_struct_na_base_pair.opening 
_ndb_struct_na_base_pair.pair_number 
_ndb_struct_na_base_pair.pair_name 
_ndb_struct_na_base_pair.i_auth_asym_id 
_ndb_struct_na_base_pair.i_auth_seq_id 
_ndb_struct_na_base_pair.i_PDB_ins_code 
_ndb_struct_na_base_pair.j_auth_asym_id 
_ndb_struct_na_base_pair.j_auth_seq_id 
_ndb_struct_na_base_pair.j_PDB_ins_code 
_ndb_struct_na_base_pair.hbond_type_28 
_ndb_struct_na_base_pair.hbond_type_12 
1 A DC  1  1_555 B DG  12 1_555 0.052  0.043  0.006  3.669   -13.308 -0.841 1  A_DC1:DG24_B  A 1  ? B 24 ? 19 1 
1 A DG  2  1_555 B DC  11 1_555 -0.047 -0.062 0.163  -0.799  -8.433  -5.369 2  A_DG2:DC23_B  A 2  ? B 23 ? 19 1 
1 A DC  3  1_555 B DG  10 1_555 0.239  0.058  -0.018 -5.067  -2.365  -1.732 3  A_DC3:DG22_B  A 3  ? B 22 ? 19 1 
1 A DG  4  1_555 B DC  9  1_555 -0.702 -0.310 -0.214 5.229   -1.812  -3.468 4  A_DG4:DC21_B  A 4  ? B 21 ? 19 1 
1 A DA  5  1_555 B DT  8  1_555 -0.087 -0.094 0.213  14.901  -9.807  9.169  5  A_DA5:DT20_B  A 5  ? B 20 ? 20 1 
1 A DA  6  1_555 B MTR 7  1_555 0.130  0.218  0.166  3.900   -19.679 2.258  6  A_DA6:MTR19_B A 6  ? B 19 ? 20 1 
1 A MTR 7  1_555 B DA  6  1_555 -0.246 0.088  0.075  -0.714  -15.184 -0.106 7  A_MTR7:DA18_B A 7  ? B 18 ? 20 1 
1 A DT  8  1_555 B DA  5  1_555 0.201  -0.283 0.158  -4.183  -14.678 3.245  8  A_DT8:DA17_B  A 8  ? B 17 ? 20 1 
1 A DC  9  1_555 B DG  4  1_555 0.275  0.030  0.241  -18.581 -8.401  -1.600 9  A_DC9:DG16_B  A 9  ? B 16 ? 19 1 
1 A DG  10 1_555 B DC  3  1_555 -0.053 -0.167 0.057  -2.969  -1.431  0.374  10 A_DG10:DC15_B A 10 ? B 15 ? 19 1 
1 A DC  11 1_555 B DG  2  1_555 0.111  -0.001 0.388  -2.454  -18.464 -2.015 11 A_DC11:DG14_B A 11 ? B 14 ? 19 1 
1 A DG  12 1_555 B DC  1  1_555 -0.047 -0.295 0.364  8.055   0.413   -6.147 12 A_DG12:DC13_B A 12 ? B 13 ? 19 1 
# 
loop_
_ndb_struct_na_base_pair_step.model_number 
_ndb_struct_na_base_pair_step.i_label_asym_id_1 
_ndb_struct_na_base_pair_step.i_label_comp_id_1 
_ndb_struct_na_base_pair_step.i_label_seq_id_1 
_ndb_struct_na_base_pair_step.i_symmetry_1 
_ndb_struct_na_base_pair_step.j_label_asym_id_1 
_ndb_struct_na_base_pair_step.j_label_comp_id_1 
_ndb_struct_na_base_pair_step.j_label_seq_id_1 
_ndb_struct_na_base_pair_step.j_symmetry_1 
_ndb_struct_na_base_pair_step.i_label_asym_id_2 
_ndb_struct_na_base_pair_step.i_label_comp_id_2 
_ndb_struct_na_base_pair_step.i_label_seq_id_2 
_ndb_struct_na_base_pair_step.i_symmetry_2 
_ndb_struct_na_base_pair_step.j_label_asym_id_2 
_ndb_struct_na_base_pair_step.j_label_comp_id_2 
_ndb_struct_na_base_pair_step.j_label_seq_id_2 
_ndb_struct_na_base_pair_step.j_symmetry_2 
_ndb_struct_na_base_pair_step.shift 
_ndb_struct_na_base_pair_step.slide 
_ndb_struct_na_base_pair_step.rise 
_ndb_struct_na_base_pair_step.tilt 
_ndb_struct_na_base_pair_step.roll 
_ndb_struct_na_base_pair_step.twist 
_ndb_struct_na_base_pair_step.x_displacement 
_ndb_struct_na_base_pair_step.y_displacement 
_ndb_struct_na_base_pair_step.helical_rise 
_ndb_struct_na_base_pair_step.inclination 
_ndb_struct_na_base_pair_step.tip 
_ndb_struct_na_base_pair_step.helical_twist 
_ndb_struct_na_base_pair_step.step_number 
_ndb_struct_na_base_pair_step.step_name 
_ndb_struct_na_base_pair_step.i_auth_asym_id_1 
_ndb_struct_na_base_pair_step.i_auth_seq_id_1 
_ndb_struct_na_base_pair_step.i_PDB_ins_code_1 
_ndb_struct_na_base_pair_step.j_auth_asym_id_1 
_ndb_struct_na_base_pair_step.j_auth_seq_id_1 
_ndb_struct_na_base_pair_step.j_PDB_ins_code_1 
_ndb_struct_na_base_pair_step.i_auth_asym_id_2 
_ndb_struct_na_base_pair_step.i_auth_seq_id_2 
_ndb_struct_na_base_pair_step.i_PDB_ins_code_2 
_ndb_struct_na_base_pair_step.j_auth_asym_id_2 
_ndb_struct_na_base_pair_step.j_auth_seq_id_2 
_ndb_struct_na_base_pair_step.j_PDB_ins_code_2 
1 A DC  1  1_555 B DG  12 1_555 A DG  2  1_555 B DC  11 1_555 -0.127 0.294  3.360 -0.527 8.170  37.144 -0.629 0.126  3.349 12.638  
0.815  38.004 1  AA_DC1DG2:DC23DG24_BB   A 1  ? B 24 ? A 2  ? B 23 ? 
1 A DG  2  1_555 B DC  11 1_555 A DC  3  1_555 B DG  10 1_555 0.711  0.494  3.375 1.989  -1.437 38.538 0.930  -0.822 3.387 -2.175  
-3.010 38.613 2  AA_DG2DC3:DG22DC23_BB   A 2  ? B 23 ? A 3  ? B 22 ? 
1 A DC  3  1_555 B DG  10 1_555 A DG  4  1_555 B DC  9  1_555 -0.186 0.988  3.136 4.034  4.577  29.407 0.987  1.171  3.196 8.896   
-7.841 30.019 3  AA_DC3DG4:DC21DG22_BB   A 3  ? B 22 ? A 4  ? B 21 ? 
1 A DG  4  1_555 B DC  9  1_555 A DA  5  1_555 B DT  8  1_555 0.555  0.279  3.045 -3.534 9.915  29.585 -1.232 -1.651 2.901 18.687  
6.661  31.362 4  AA_DG4DA5:DT20DC21_BB   A 4  ? B 21 ? A 5  ? B 20 ? 
1 A DA  5  1_555 B DT  8  1_555 A DA  6  1_555 B MTR 7  1_555 -0.906 0.325  3.501 -1.675 -3.990 43.040 0.859  1.054  3.490 -5.422  
2.276  43.247 5  AA_DA5DA6:MTR19DT20_BB  A 5  ? B 20 ? A 6  ? B 19 ? 
1 A DA  6  1_555 B MTR 7  1_555 A MTR 7  1_555 B DA  6  1_555 0.314  -0.719 3.316 0.866  0.078  29.151 -1.444 -0.431 3.322 0.156   
-1.721 29.163 6  AA_DA6MTR7:DA18MTR19_BB A 6  ? B 19 ? A 7  ? B 18 ? 
1 A MTR 7  1_555 B DA  6  1_555 A DT  8  1_555 B DA  5  1_555 -0.054 -0.498 3.290 0.536  1.345  36.143 -0.993 0.162  3.269 2.166   
-0.864 36.171 7  AA_MTR7DT8:DA17DA18_BB  A 7  ? B 18 ? A 8  ? B 17 ? 
1 A DT  8  1_555 B DA  5  1_555 A DC  9  1_555 B DG  4  1_555 -0.367 -0.254 3.547 0.450  -3.702 41.369 0.070  0.569  3.551 -5.227  
-0.635 41.530 8  AA_DT8DC9:DG16DA17_BB   A 8  ? B 17 ? A 9  ? B 16 ? 
1 A DC  9  1_555 B DG  4  1_555 A DG  10 1_555 B DC  3  1_555 0.767  0.759  3.033 -0.500 2.306  29.298 1.033  -1.611 3.069 4.551   
0.987  29.391 9  AA_DC9DG10:DC15DG16_BB  A 9  ? B 16 ? A 10 ? B 15 ? 
1 A DG  10 1_555 B DC  3  1_555 A DC  11 1_555 B DG  2  1_555 -1.206 0.509  3.380 -3.493 -8.314 39.693 1.687  1.334  3.302 -12.056 
5.065  40.664 10 AA_DG10DC11:DG14DC15_BB A 10 ? B 15 ? A 11 ? B 14 ? 
1 A DC  11 1_555 B DG  2  1_555 A DG  12 1_555 B DC  1  1_555 -0.031 0.267  3.013 -0.475 4.732  36.383 -0.176 -0.010 3.023 7.539   
0.757  36.682 11 AA_DC11DG12:DC13DG14_BB A 11 ? B 14 ? A 12 ? B 13 ? 
# 
_atom_sites.entry_id                    1NGT 
_atom_sites.fract_transf_matrix[1][1]   0.03187346 
_atom_sites.fract_transf_matrix[1][2]   -0.01243985 
_atom_sites.fract_transf_matrix[1][3]   -0.02019420 
_atom_sites.fract_transf_matrix[2][1]   -0.01210792 
_atom_sites.fract_transf_matrix[2][2]   0.00295582 
_atom_sites.fract_transf_matrix[2][3]   -0.02093131 
_atom_sites.fract_transf_matrix[3][1]   0.00503194 
_atom_sites.fract_transf_matrix[3][2]   0.01433247 
_atom_sites.fract_transf_matrix[3][3]   -0.00088681 
_atom_sites.fract_transf_vector[1]      0.585676 
_atom_sites.fract_transf_vector[2]      0.524997 
_atom_sites.fract_transf_vector[3]      0.135755 
# 
loop_
_atom_type.symbol 
C  
MG 
N  
O  
P  
# 
loop_
_atom_site.group_PDB 
_atom_site.id 
_atom_site.type_symbol 
_atom_site.label_atom_id 
_atom_site.label_alt_id 
_atom_site.label_comp_id 
_atom_site.label_asym_id 
_atom_site.label_entity_id 
_atom_site.label_seq_id 
_atom_site.pdbx_PDB_ins_code 
_atom_site.Cartn_x 
_atom_site.Cartn_y 
_atom_site.Cartn_z 
_atom_site.occupancy 
_atom_site.B_iso_or_equiv 
_atom_site.pdbx_formal_charge 
_atom_site.auth_seq_id 
_atom_site.auth_comp_id 
_atom_site.auth_asym_id 
_atom_site.auth_atom_id 
_atom_site.pdbx_PDB_model_num 
ATOM   1   O  "O5'" . DC  A 1 1  ? 2.142   13.654  -15.531 1.00 23.94 ? 1   DC  A "O5'" 1 
ATOM   2   C  "C5'" . DC  A 1 1  ? 2.280   14.058  -14.164 1.00 20.05 ? 1   DC  A "C5'" 1 
ATOM   3   C  "C4'" . DC  A 1 1  ? 3.637   13.678  -13.619 1.00 19.25 ? 1   DC  A "C4'" 1 
ATOM   4   O  "O4'" . DC  A 1 1  ? 3.895   14.394  -12.389 1.00 17.50 ? 1   DC  A "O4'" 1 
ATOM   5   C  "C3'" . DC  A 1 1  ? 3.810   12.199  -13.287 1.00 19.29 ? 1   DC  A "C3'" 1 
ATOM   6   O  "O3'" . DC  A 1 1  ? 5.141   11.801  -13.611 1.00 20.01 ? 1   DC  A "O3'" 1 
ATOM   7   C  "C2'" . DC  A 1 1  ? 3.593   12.147  -11.786 1.00 18.14 ? 1   DC  A "C2'" 1 
ATOM   8   C  "C1'" . DC  A 1 1  ? 4.159   13.482  -11.337 1.00 17.20 ? 1   DC  A "C1'" 1 
ATOM   9   N  N1    . DC  A 1 1  ? 3.568   14.046  -10.109 1.00 16.03 ? 1   DC  A N1    1 
ATOM   10  C  C2    . DC  A 1 1  ? 4.432   14.514  -9.106  1.00 14.67 ? 1   DC  A C2    1 
ATOM   11  O  O2    . DC  A 1 1  ? 5.656   14.374  -9.259  1.00 14.28 ? 1   DC  A O2    1 
ATOM   12  N  N3    . DC  A 1 1  ? 3.913   15.092  -8.000  1.00 13.31 ? 1   DC  A N3    1 
ATOM   13  C  C4    . DC  A 1 1  ? 2.587   15.186  -7.858  1.00 14.25 ? 1   DC  A C4    1 
ATOM   14  N  N4    . DC  A 1 1  ? 2.117   15.762  -6.742  1.00 11.74 ? 1   DC  A N4    1 
ATOM   15  C  C5    . DC  A 1 1  ? 1.681   14.691  -8.853  1.00 13.28 ? 1   DC  A C5    1 
ATOM   16  C  C6    . DC  A 1 1  ? 2.212   14.134  -9.951  1.00 13.05 ? 1   DC  A C6    1 
ATOM   17  P  P     . DG  A 1 2  ? 5.497   10.242  -13.737 1.00 20.03 ? 2   DG  A P     1 
ATOM   18  O  OP1   . DG  A 1 2  ? 6.392   10.088  -14.916 1.00 20.00 ? 2   DG  A OP1   1 
ATOM   19  O  OP2   . DG  A 1 2  ? 4.249   9.447   -13.657 1.00 19.61 ? 2   DG  A OP2   1 
ATOM   20  O  "O5'" . DG  A 1 2  ? 6.337   9.963   -12.417 1.00 17.99 ? 2   DG  A "O5'" 1 
ATOM   21  C  "C5'" . DG  A 1 2  ? 7.561   10.647  -12.197 1.00 17.70 ? 2   DG  A "C5'" 1 
ATOM   22  C  "C4'" . DG  A 1 2  ? 8.168   10.219  -10.883 1.00 15.76 ? 2   DG  A "C4'" 1 
ATOM   23  O  "O4'" . DG  A 1 2  ? 7.526   10.892  -9.775  1.00 15.04 ? 2   DG  A "O4'" 1 
ATOM   24  C  "C3'" . DG  A 1 2  ? 8.059   8.727   -10.599 1.00 14.73 ? 2   DG  A "C3'" 1 
ATOM   25  O  "O3'" . DG  A 1 2  ? 9.280   8.309   -10.001 1.00 16.77 ? 2   DG  A "O3'" 1 
ATOM   26  C  "C2'" . DG  A 1 2  ? 6.885   8.643   -9.633  1.00 12.95 ? 2   DG  A "C2'" 1 
ATOM   27  C  "C1'" . DG  A 1 2  ? 7.004   9.947   -8.858  1.00 12.55 ? 2   DG  A "C1'" 1 
ATOM   28  N  N9    . DG  A 1 2  ? 5.763   10.503  -8.317  1.00 10.44 ? 2   DG  A N9    1 
ATOM   29  C  C8    . DG  A 1 2  ? 4.506   10.463  -8.877  1.00 8.84  ? 2   DG  A C8    1 
ATOM   30  N  N7    . DG  A 1 2  ? 3.605   11.083  -8.155  1.00 6.60  ? 2   DG  A N7    1 
ATOM   31  C  C5    . DG  A 1 2  ? 4.308   11.553  -7.056  1.00 7.86  ? 2   DG  A C5    1 
ATOM   32  C  C6    . DG  A 1 2  ? 3.868   12.300  -5.939  1.00 8.19  ? 2   DG  A C6    1 
ATOM   33  O  O6    . DG  A 1 2  ? 2.733   12.724  -5.694  1.00 10.99 ? 2   DG  A O6    1 
ATOM   34  N  N1    . DG  A 1 2  ? 4.907   12.552  -5.049  1.00 6.82  ? 2   DG  A N1    1 
ATOM   35  C  C2    . DG  A 1 2  ? 6.208   12.151  -5.221  1.00 7.38  ? 2   DG  A C2    1 
ATOM   36  N  N2    . DG  A 1 2  ? 7.073   12.495  -4.251  1.00 5.43  ? 2   DG  A N2    1 
ATOM   37  N  N3    . DG  A 1 2  ? 6.635   11.464  -6.265  1.00 8.85  ? 2   DG  A N3    1 
ATOM   38  C  C4    . DG  A 1 2  ? 5.638   11.198  -7.135  1.00 8.21  ? 2   DG  A C4    1 
ATOM   39  P  P     . DC  A 1 3  ? 9.571   6.750   -9.763  1.00 16.97 ? 3   DC  A P     1 
ATOM   40  O  OP1   . DC  A 1 3  ? 10.838  6.417   -10.458 1.00 19.81 ? 3   DC  A OP1   1 
ATOM   41  O  OP2   . DC  A 1 3  ? 8.355   5.943   -10.027 1.00 19.13 ? 3   DC  A OP2   1 
ATOM   42  O  "O5'" . DC  A 1 3  ? 9.840   6.715   -8.203  1.00 19.12 ? 3   DC  A "O5'" 1 
ATOM   43  C  "C5'" . DC  A 1 3  ? 10.594  7.753   -7.595  1.00 20.41 ? 3   DC  A "C5'" 1 
ATOM   44  C  "C4'" . DC  A 1 3  ? 10.289  7.811   -6.121  1.00 19.72 ? 3   DC  A "C4'" 1 
ATOM   45  O  "O4'" . DC  A 1 3  ? 9.017   8.477   -5.918  1.00 19.62 ? 3   DC  A "O4'" 1 
ATOM   46  C  "C3'" . DC  A 1 3  ? 10.167  6.422   -5.498  1.00 20.54 ? 3   DC  A "C3'" 1 
ATOM   47  O  "O3'" . DC  A 1 3  ? 10.925  6.329   -4.300  1.00 24.42 ? 3   DC  A "O3'" 1 
ATOM   48  C  "C2'" . DC  A 1 3  ? 8.683   6.272   -5.211  1.00 21.01 ? 3   DC  A "C2'" 1 
ATOM   49  C  "C1'" . DC  A 1 3  ? 8.217   7.709   -5.033  1.00 20.27 ? 3   DC  A "C1'" 1 
ATOM   50  N  N1    . DC  A 1 3  ? 6.800   7.924   -5.386  1.00 16.16 ? 3   DC  A N1    1 
ATOM   51  C  C2    . DC  A 1 3  ? 5.990   8.669   -4.520  1.00 15.31 ? 3   DC  A C2    1 
ATOM   52  O  O2    . DC  A 1 3  ? 6.495   9.156   -3.497  1.00 17.28 ? 3   DC  A O2    1 
ATOM   53  N  N3    . DC  A 1 3  ? 4.679   8.835   -4.817  1.00 11.98 ? 3   DC  A N3    1 
ATOM   54  C  C4    . DC  A 1 3  ? 4.171   8.285   -5.922  1.00 13.04 ? 3   DC  A C4    1 
ATOM   55  N  N4    . DC  A 1 3  ? 2.863   8.443   -6.160  1.00 15.67 ? 3   DC  A N4    1 
ATOM   56  C  C5    . DC  A 1 3  ? 4.976   7.539   -6.833  1.00 13.02 ? 3   DC  A C5    1 
ATOM   57  C  C6    . DC  A 1 3  ? 6.274   7.388   -6.530  1.00 15.03 ? 3   DC  A C6    1 
ATOM   58  P  P     . DG  A 1 4  ? 11.394  4.884   -3.769  1.00 24.29 ? 4   DG  A P     1 
ATOM   59  O  OP1   . DG  A 1 4  ? 12.816  4.665   -4.132  1.00 26.51 ? 4   DG  A OP1   1 
ATOM   60  O  OP2   . DG  A 1 4  ? 10.369  3.892   -4.185  1.00 23.59 ? 4   DG  A OP2   1 
ATOM   61  O  "O5'" . DG  A 1 4  ? 11.308  5.048   -2.195  1.00 22.79 ? 4   DG  A "O5'" 1 
ATOM   62  C  "C5'" . DG  A 1 4  ? 11.411  6.332   -1.596  1.00 20.54 ? 4   DG  A "C5'" 1 
ATOM   63  C  "C4'" . DG  A 1 4  ? 10.499  6.408   -0.398  1.00 19.94 ? 4   DG  A "C4'" 1 
ATOM   64  O  "O4'" . DG  A 1 4  ? 9.145   6.718   -0.805  1.00 20.31 ? 4   DG  A "O4'" 1 
ATOM   65  C  "C3'" . DG  A 1 4  ? 10.419  5.110   0.402   1.00 19.91 ? 4   DG  A "C3'" 1 
ATOM   66  O  "O3'" . DG  A 1 4  ? 10.444  5.417   1.792   1.00 23.45 ? 4   DG  A "O3'" 1 
ATOM   67  C  "C2'" . DG  A 1 4  ? 9.077   4.520   -0.007  1.00 18.62 ? 4   DG  A "C2'" 1 
ATOM   68  C  "C1'" . DG  A 1 4  ? 8.244   5.767   -0.259  1.00 16.37 ? 4   DG  A "C1'" 1 
ATOM   69  N  N9    . DG  A 1 4  ? 7.139   5.618   -1.205  1.00 12.69 ? 4   DG  A N9    1 
ATOM   70  C  C8    . DG  A 1 4  ? 7.121   4.869   -2.360  1.00 10.54 ? 4   DG  A C8    1 
ATOM   71  N  N7    . DG  A 1 4  ? 6.012   4.999   -3.036  1.00 8.69  ? 4   DG  A N7    1 
ATOM   72  C  C5    . DG  A 1 4  ? 5.246   5.875   -2.279  1.00 9.08  ? 4   DG  A C5    1 
ATOM   73  C  C6    . DG  A 1 4  ? 3.950   6.411   -2.516  1.00 8.61  ? 4   DG  A C6    1 
ATOM   74  O  O6    . DG  A 1 4  ? 3.212   6.239   -3.495  1.00 10.21 ? 4   DG  A O6    1 
ATOM   75  N  N1    . DG  A 1 4  ? 3.540   7.239   -1.475  1.00 7.23  ? 4   DG  A N1    1 
ATOM   76  C  C2    . DG  A 1 4  ? 4.284   7.535   -0.361  1.00 9.00  ? 4   DG  A C2    1 
ATOM   77  N  N2    . DG  A 1 4  ? 3.707   8.356   0.540   1.00 9.17  ? 4   DG  A N2    1 
ATOM   78  N  N3    . DG  A 1 4  ? 5.503   7.063   -0.139  1.00 9.96  ? 4   DG  A N3    1 
ATOM   79  C  C4    . DG  A 1 4  ? 5.917   6.243   -1.131  1.00 10.94 ? 4   DG  A C4    1 
ATOM   80  P  P     . DA  A 1 5  ? 10.617  4.241   2.866   1.00 26.34 ? 5   DA  A P     1 
ATOM   81  O  OP1   . DA  A 1 5  ? 11.604  4.678   3.885   1.00 21.23 ? 5   DA  A OP1   1 
ATOM   82  O  OP2   . DA  A 1 5  ? 10.841  2.969   2.124   1.00 24.60 ? 5   DA  A OP2   1 
ATOM   83  O  "O5'" . DA  A 1 5  ? 9.178   4.174   3.539   1.00 21.67 ? 5   DA  A "O5'" 1 
ATOM   84  C  "C5'" . DA  A 1 5  ? 8.587   5.337   4.104   1.00 21.18 ? 5   DA  A "C5'" 1 
ATOM   85  C  "C4'" . DA  A 1 5  ? 7.126   5.082   4.391   1.00 21.92 ? 5   DA  A "C4'" 1 
ATOM   86  O  "O4'" . DA  A 1 5  ? 6.365   5.072   3.157   1.00 20.76 ? 5   DA  A "O4'" 1 
ATOM   87  C  "C3'" . DA  A 1 5  ? 6.859   3.729   5.061   1.00 23.53 ? 5   DA  A "C3'" 1 
ATOM   88  O  "O3'" . DA  A 1 5  ? 5.759   3.855   5.951   1.00 26.18 ? 5   DA  A "O3'" 1 
ATOM   89  C  "C2'" . DA  A 1 5  ? 6.391   2.866   3.906   1.00 23.39 ? 5   DA  A "C2'" 1 
ATOM   90  C  "C1'" . DA  A 1 5  ? 5.592   3.886   3.121   1.00 21.45 ? 5   DA  A "C1'" 1 
ATOM   91  N  N9    . DA  A 1 5  ? 5.328   3.537   1.729   1.00 17.67 ? 5   DA  A N9    1 
ATOM   92  C  C8    . DA  A 1 5  ? 6.100   2.803   0.871   1.00 17.10 ? 5   DA  A C8    1 
ATOM   93  N  N7    . DA  A 1 5  ? 5.552   2.620   -0.305  1.00 15.00 ? 5   DA  A N7    1 
ATOM   94  C  C5    . DA  A 1 5  ? 4.338   3.284   -0.214  1.00 14.56 ? 5   DA  A C5    1 
ATOM   95  C  C6    . DA  A 1 5  ? 3.277   3.444   -1.118  1.00 13.12 ? 5   DA  A C6    1 
ATOM   96  N  N6    . DA  A 1 5  ? 3.255   2.906   -2.339  1.00 13.49 ? 5   DA  A N6    1 
ATOM   97  N  N1    . DA  A 1 5  ? 2.216   4.177   -0.718  1.00 16.16 ? 5   DA  A N1    1 
ATOM   98  C  C2    . DA  A 1 5  ? 2.221   4.691   0.519   1.00 15.18 ? 5   DA  A C2    1 
ATOM   99  N  N3    . DA  A 1 5  ? 3.149   4.592   1.466   1.00 17.13 ? 5   DA  A N3    1 
ATOM   100 C  C4    . DA  A 1 5  ? 4.195   3.868   1.029   1.00 16.54 ? 5   DA  A C4    1 
ATOM   101 P  P     . DA  A 1 6  ? 6.007   4.291   7.470   1.00 25.94 ? 6   DA  A P     1 
ATOM   102 O  OP1   . DA  A 1 6  ? 6.793   5.548   7.456   1.00 24.47 ? 6   DA  A OP1   1 
ATOM   103 O  OP2   . DA  A 1 6  ? 6.515   3.110   8.217   1.00 23.57 ? 6   DA  A OP2   1 
ATOM   104 O  "O5'" . DA  A 1 6  ? 4.533   4.621   7.961   1.00 22.33 ? 6   DA  A "O5'" 1 
ATOM   105 C  "C5'" . DA  A 1 6  ? 3.859   5.776   7.484   1.00 20.20 ? 6   DA  A "C5'" 1 
ATOM   106 C  "C4'" . DA  A 1 6  ? 2.401   5.469   7.239   1.00 17.07 ? 6   DA  A "C4'" 1 
ATOM   107 O  "O4'" . DA  A 1 6  ? 2.191   4.957   5.902   1.00 15.13 ? 6   DA  A "O4'" 1 
ATOM   108 C  "C3'" . DA  A 1 6  ? 1.777   4.459   8.199   1.00 15.57 ? 6   DA  A "C3'" 1 
ATOM   109 O  "O3'" . DA  A 1 6  ? 0.545   4.986   8.683   1.00 16.08 ? 6   DA  A "O3'" 1 
ATOM   110 C  "C2'" . DA  A 1 6  ? 1.563   3.221   7.338   1.00 15.35 ? 6   DA  A "C2'" 1 
ATOM   111 C  "C1'" . DA  A 1 6  ? 1.391   3.789   5.933   1.00 12.65 ? 6   DA  A "C1'" 1 
ATOM   112 N  N9    . DA  A 1 6  ? 1.859   2.910   4.857   1.00 9.27  ? 6   DA  A N9    1 
ATOM   113 C  C8    . DA  A 1 6  ? 3.029   2.200   4.844   1.00 8.45  ? 6   DA  A C8    1 
ATOM   114 N  N7    . DA  A 1 6  ? 3.220   1.505   3.747   1.00 7.35  ? 6   DA  A N7    1 
ATOM   115 C  C5    . DA  A 1 6  ? 2.097   1.774   2.978   1.00 6.39  ? 6   DA  A C5    1 
ATOM   116 C  C6    . DA  A 1 6  ? 1.701   1.341   1.691   1.00 7.49  ? 6   DA  A C6    1 
ATOM   117 N  N6    . DA  A 1 6  ? 2.432   0.520   0.923   1.00 2.25  ? 6   DA  A N6    1 
ATOM   118 N  N1    . DA  A 1 6  ? 0.516   1.788   1.214   1.00 6.70  ? 6   DA  A N1    1 
ATOM   119 C  C2    . DA  A 1 6  ? -0.205  2.618   1.978   1.00 6.55  ? 6   DA  A C2    1 
ATOM   120 N  N3    . DA  A 1 6  ? 0.065   3.102   3.195   1.00 6.60  ? 6   DA  A N3    1 
ATOM   121 C  C4    . DA  A 1 6  ? 1.244   2.634   3.648   1.00 9.05  ? 6   DA  A C4    1 
HETATM 122 P  P     . MTR A 1 7  ? -0.372  4.108   9.662   1.00 15.70 ? 7   MTR A P     1 
HETATM 123 O  OP1   . MTR A 1 7  ? -1.174  5.050   10.481  1.00 15.34 ? 7   MTR A OP1   1 
HETATM 124 O  OP2   . MTR A 1 7  ? 0.469   3.085   10.322  1.00 15.69 ? 7   MTR A OP2   1 
HETATM 125 O  "O5'" . MTR A 1 7  ? -1.350  3.372   8.658   1.00 14.24 ? 7   MTR A "O5'" 1 
HETATM 126 C  C1    . MTR A 1 7  ? -1.432  0.459   5.024   1.00 12.27 ? 7   MTR A C1    1 
HETATM 127 C  C6    . MTR A 1 7  ? -0.286  0.162   5.730   1.00 8.82  ? 7   MTR A C6    1 
HETATM 128 C  C2    . MTR A 1 7  ? -1.616  0.003   3.736   1.00 10.81 ? 7   MTR A C2    1 
HETATM 129 N  N3    . MTR A 1 7  ? -0.585  -0.762  3.245   1.00 9.80  ? 7   MTR A N3    1 
HETATM 130 C  C4    . MTR A 1 7  ? 0.579   -1.105  3.900   1.00 8.24  ? 7   MTR A C4    1 
HETATM 131 O  O4    . MTR A 1 7  ? 1.407   -1.807  3.343   1.00 8.57  ? 7   MTR A O4    1 
HETATM 132 C  C5    . MTR A 1 7  ? 0.714   -0.584  5.237   1.00 8.08  ? 7   MTR A C5    1 
HETATM 133 C  C5M   . MTR A 1 7  ? 1.957   -0.895  6.005   1.00 6.67  ? 7   MTR A C5M   1 
HETATM 134 C  "C2'" . MTR A 1 7  ? -3.046  0.827   6.966   1.00 13.53 ? 7   MTR A "C2'" 1 
HETATM 135 C  "C5'" . MTR A 1 7  ? -2.067  4.129   7.705   1.00 14.43 ? 7   MTR A "C5'" 1 
HETATM 136 C  "C4'" . MTR A 1 7  ? -2.871  3.223   6.811   1.00 14.88 ? 7   MTR A "C4'" 1 
HETATM 137 O  "O4'" . MTR A 1 7  ? -2.020  2.575   5.835   1.00 15.33 ? 7   MTR A "O4'" 1 
HETATM 138 C  "C1'" . MTR A 1 7  ? -2.516  1.272   5.615   1.00 13.61 ? 7   MTR A "C1'" 1 
HETATM 139 C  "C3'" . MTR A 1 7  ? -3.665  2.111   7.505   1.00 14.44 ? 7   MTR A "C3'" 1 
HETATM 140 O  "O3'" . MTR A 1 7  ? -5.024  2.223   7.096   1.00 16.61 ? 7   MTR A "O3'" 1 
ATOM   141 P  P     . DT  A 1 8  ? -6.141  1.278   7.744   1.00 16.18 ? 8   DT  A P     1 
ATOM   142 O  OP1   . DT  A 1 8  ? -7.278  2.147   8.113   1.00 18.35 ? 8   DT  A OP1   1 
ATOM   143 O  OP2   . DT  A 1 8  ? -5.516  0.413   8.770   1.00 19.34 ? 8   DT  A OP2   1 
ATOM   144 O  "O5'" . DT  A 1 8  ? -6.568  0.379   6.499   1.00 17.17 ? 8   DT  A "O5'" 1 
ATOM   145 C  "C5'" . DT  A 1 8  ? -6.717  0.984   5.218   1.00 13.63 ? 8   DT  A "C5'" 1 
ATOM   146 C  "C4'" . DT  A 1 8  ? -6.908  -0.058  4.142   1.00 15.08 ? 8   DT  A "C4'" 1 
ATOM   147 O  "O4'" . DT  A 1 8  ? -5.656  -0.642  3.703   1.00 14.68 ? 8   DT  A "O4'" 1 
ATOM   148 C  "C3'" . DT  A 1 8  ? -7.845  -1.217  4.469   1.00 14.48 ? 8   DT  A "C3'" 1 
ATOM   149 O  "O3'" . DT  A 1 8  ? -8.736  -1.369  3.368   1.00 16.79 ? 8   DT  A "O3'" 1 
ATOM   150 C  "C2'" . DT  A 1 8  ? -6.908  -2.410  4.584   1.00 13.82 ? 8   DT  A "C2'" 1 
ATOM   151 C  "C1'" . DT  A 1 8  ? -5.792  -2.050  3.610   1.00 14.42 ? 8   DT  A "C1'" 1 
ATOM   152 N  N1    . DT  A 1 8  ? -4.463  -2.657  3.884   1.00 12.44 ? 8   DT  A N1    1 
ATOM   153 C  C2    . DT  A 1 8  ? -3.833  -3.358  2.869   1.00 13.08 ? 8   DT  A C2    1 
ATOM   154 O  O2    . DT  A 1 8  ? -4.333  -3.544  1.775   1.00 11.81 ? 8   DT  A O2    1 
ATOM   155 N  N3    . DT  A 1 8  ? -2.583  -3.840  3.190   1.00 13.60 ? 8   DT  A N3    1 
ATOM   156 C  C4    . DT  A 1 8  ? -1.919  -3.695  4.394   1.00 12.05 ? 8   DT  A C4    1 
ATOM   157 O  O4    . DT  A 1 8  ? -0.791  -4.138  4.524   1.00 10.44 ? 8   DT  A O4    1 
ATOM   158 C  C5    . DT  A 1 8  ? -2.651  -2.986  5.421   1.00 11.46 ? 8   DT  A C5    1 
ATOM   159 C  C7    . DT  A 1 8  ? -2.020  -2.812  6.768   1.00 11.33 ? 8   DT  A C7    1 
ATOM   160 C  C6    . DT  A 1 8  ? -3.868  -2.510  5.118   1.00 12.44 ? 8   DT  A C6    1 
ATOM   161 P  P     . DC  A 1 9  ? -9.876  -2.494  3.400   1.00 18.40 ? 9   DC  A P     1 
ATOM   162 O  OP1   . DC  A 1 9  ? -11.150 -1.828  3.045   1.00 20.70 ? 9   DC  A OP1   1 
ATOM   163 O  OP2   . DC  A 1 9  ? -9.778  -3.271  4.657   1.00 19.59 ? 9   DC  A OP2   1 
ATOM   164 O  "O5'" . DC  A 1 9  ? -9.451  -3.447  2.199   1.00 15.37 ? 9   DC  A "O5'" 1 
ATOM   165 C  "C5'" . DC  A 1 9  ? -8.965  -2.893  0.984   1.00 11.98 ? 9   DC  A "C5'" 1 
ATOM   166 C  "C4'" . DC  A 1 9  ? -8.492  -3.993  0.066   1.00 14.49 ? 9   DC  A "C4'" 1 
ATOM   167 O  "O4'" . DC  A 1 9  ? -7.214  -4.508  0.511   1.00 13.68 ? 9   DC  A "O4'" 1 
ATOM   168 C  "C3'" . DC  A 1 9  ? -9.432  -5.194  -0.015  1.00 14.47 ? 9   DC  A "C3'" 1 
ATOM   169 O  "O3'" . DC  A 1 9  ? -9.443  -5.650  -1.368  1.00 17.15 ? 9   DC  A "O3'" 1 
ATOM   170 C  "C2'" . DC  A 1 9  ? -8.783  -6.207  0.920   1.00 13.56 ? 9   DC  A "C2'" 1 
ATOM   171 C  "C1'" . DC  A 1 9  ? -7.302  -5.907  0.734   1.00 11.32 ? 9   DC  A "C1'" 1 
ATOM   172 N  N1    . DC  A 1 9  ? -6.397  -6.225  1.853   1.00 9.03  ? 9   DC  A N1    1 
ATOM   173 C  C2    . DC  A 1 9  ? -5.255  -6.998  1.591   1.00 8.72  ? 9   DC  A C2    1 
ATOM   174 O  O2    . DC  A 1 9  ? -5.092  -7.473  0.458   1.00 8.89  ? 9   DC  A O2    1 
ATOM   175 N  N3    . DC  A 1 9  ? -4.357  -7.206  2.576   1.00 8.13  ? 9   DC  A N3    1 
ATOM   176 C  C4    . DC  A 1 9  ? -4.563  -6.687  3.786   1.00 7.23  ? 9   DC  A C4    1 
ATOM   177 N  N4    . DC  A 1 9  ? -3.616  -6.878  4.707   1.00 4.89  ? 9   DC  A N4    1 
ATOM   178 C  C5    . DC  A 1 9  ? -5.743  -5.941  4.098   1.00 7.56  ? 9   DC  A C5    1 
ATOM   179 C  C6    . DC  A 1 9  ? -6.628  -5.742  3.110   1.00 7.04  ? 9   DC  A C6    1 
ATOM   180 P  P     . DG  A 1 10 ? -10.676 -6.516  -1.912  1.00 18.96 ? 10  DG  A P     1 
ATOM   181 O  OP1   . DG  A 1 10 ? -10.840 -6.171  -3.343  1.00 20.66 ? 10  DG  A OP1   1 
ATOM   182 O  OP2   . DG  A 1 10 ? -11.826 -6.376  -0.988  1.00 20.68 ? 10  DG  A OP2   1 
ATOM   183 O  "O5'" . DG  A 1 10 ? -10.140 -8.011  -1.807  1.00 19.08 ? 10  DG  A "O5'" 1 
ATOM   184 C  "C5'" . DG  A 1 10 ? -9.051  -8.439  -2.613  1.00 17.99 ? 10  DG  A "C5'" 1 
ATOM   185 C  "C4'" . DG  A 1 10 ? -8.459  -9.716  -2.062  1.00 17.02 ? 10  DG  A "C4'" 1 
ATOM   186 O  "O4'" . DG  A 1 10 ? -7.705  -9.464  -0.852  1.00 15.81 ? 10  DG  A "O4'" 1 
ATOM   187 C  "C3'" . DG  A 1 10 ? -9.470  -10.809 -1.701  1.00 18.00 ? 10  DG  A "C3'" 1 
ATOM   188 O  "O3'" . DG  A 1 10 ? -8.904  -12.074 -2.049  1.00 18.86 ? 10  DG  A "O3'" 1 
ATOM   189 C  "C2'" . DG  A 1 10 ? -9.517  -10.736 -0.186  1.00 13.95 ? 10  DG  A "C2'" 1 
ATOM   190 C  "C1'" . DG  A 1 10 ? -8.053  -10.483 0.062   1.00 12.13 ? 10  DG  A "C1'" 1 
ATOM   191 N  N9    . DG  A 1 10 ? -7.640  -10.086 1.401   1.00 10.19 ? 10  DG  A N9    1 
ATOM   192 C  C8    . DG  A 1 10 ? -8.364  -9.420  2.361   1.00 9.21  ? 10  DG  A C8    1 
ATOM   193 N  N7    . DG  A 1 10 ? -7.704  -9.261  3.476   1.00 10.30 ? 10  DG  A N7    1 
ATOM   194 C  C5    . DG  A 1 10 ? -6.470  -9.851  3.230   1.00 8.54  ? 10  DG  A C5    1 
ATOM   195 C  C6    . DG  A 1 10 ? -5.328  -9.997  4.069   1.00 9.84  ? 10  DG  A C6    1 
ATOM   196 O  O6    . DG  A 1 10 ? -5.173  -9.618  5.237   1.00 8.34  ? 10  DG  A O6    1 
ATOM   197 N  N1    . DG  A 1 10 ? -4.295  -10.663 3.413   1.00 7.90  ? 10  DG  A N1    1 
ATOM   198 C  C2    . DG  A 1 10 ? -4.346  -11.127 2.122   1.00 5.89  ? 10  DG  A C2    1 
ATOM   199 N  N2    . DG  A 1 10 ? -3.243  -11.742 1.664   1.00 2.82  ? 10  DG  A N2    1 
ATOM   200 N  N3    . DG  A 1 10 ? -5.402  -10.996 1.333   1.00 5.64  ? 10  DG  A N3    1 
ATOM   201 C  C4    . DG  A 1 10 ? -6.418  -10.355 1.950   1.00 9.33  ? 10  DG  A C4    1 
ATOM   202 P  P     . DC  A 1 11 ? -9.504  -12.906 -3.277  1.00 19.18 ? 11  DC  A P     1 
ATOM   203 O  OP1   . DC  A 1 11 ? -9.966  -11.966 -4.328  1.00 17.20 ? 11  DC  A OP1   1 
ATOM   204 O  OP2   . DC  A 1 11 ? -10.455 -13.882 -2.681  1.00 20.26 ? 11  DC  A OP2   1 
ATOM   205 O  "O5'" . DC  A 1 11 ? -8.245  -13.695 -3.839  1.00 18.32 ? 11  DC  A "O5'" 1 
ATOM   206 C  "C5'" . DC  A 1 11 ? -7.125  -12.989 -4.366  1.00 17.47 ? 11  DC  A "C5'" 1 
ATOM   207 C  "C4'" . DC  A 1 11 ? -5.840  -13.639 -3.905  1.00 17.62 ? 11  DC  A "C4'" 1 
ATOM   208 O  "O4'" . DC  A 1 11 ? -5.627  -13.397 -2.494  1.00 15.13 ? 11  DC  A "O4'" 1 
ATOM   209 C  "C3'" . DC  A 1 11 ? -5.791  -15.157 -4.077  1.00 16.69 ? 11  DC  A "C3'" 1 
ATOM   210 O  "O3'" . DC  A 1 11 ? -4.448  -15.525 -4.398  1.00 19.87 ? 11  DC  A "O3'" 1 
ATOM   211 C  "C2'" . DC  A 1 11 ? -6.155  -15.665 -2.694  1.00 15.75 ? 11  DC  A "C2'" 1 
ATOM   212 C  "C1'" . DC  A 1 11 ? -5.483  -14.628 -1.809  1.00 14.03 ? 11  DC  A "C1'" 1 
ATOM   213 N  N1    . DC  A 1 11 ? -6.052  -14.453 -0.463  1.00 13.38 ? 11  DC  A N1    1 
ATOM   214 C  C2    . DC  A 1 11 ? -5.195  -14.493 0.642   1.00 11.84 ? 11  DC  A C2    1 
ATOM   215 O  O2    . DC  A 1 11 ? -3.998  -14.735 0.462   1.00 11.83 ? 11  DC  A O2    1 
ATOM   216 N  N3    . DC  A 1 11 ? -5.694  -14.261 1.876   1.00 10.82 ? 11  DC  A N3    1 
ATOM   217 C  C4    . DC  A 1 11 ? -6.991  -13.993 2.028   1.00 11.31 ? 11  DC  A C4    1 
ATOM   218 N  N4    . DC  A 1 11 ? -7.428  -13.707 3.256   1.00 11.15 ? 11  DC  A N4    1 
ATOM   219 C  C5    . DC  A 1 11 ? -7.895  -13.989 0.927   1.00 11.30 ? 11  DC  A C5    1 
ATOM   220 C  C6    . DC  A 1 11 ? -7.388  -14.225 -0.290  1.00 12.37 ? 11  DC  A C6    1 
ATOM   221 P  P     . DG  A 1 12 ? -4.163  -16.857 -5.242  1.00 21.20 ? 12  DG  A P     1 
ATOM   222 O  OP1   . DG  A 1 12 ? -3.385  -16.477 -6.449  1.00 22.69 ? 12  DG  A OP1   1 
ATOM   223 O  OP2   . DG  A 1 12 ? -5.450  -17.588 -5.389  1.00 20.99 ? 12  DG  A OP2   1 
ATOM   224 O  "O5'" . DG  A 1 12 ? -3.207  -17.701 -4.288  1.00 21.27 ? 12  DG  A "O5'" 1 
ATOM   225 C  "C5'" . DG  A 1 12 ? -3.323  -17.595 -2.877  1.00 18.91 ? 12  DG  A "C5'" 1 
ATOM   226 C  "C4'" . DG  A 1 12 ? -2.472  -18.642 -2.201  1.00 19.01 ? 12  DG  A "C4'" 1 
ATOM   227 O  "O4'" . DG  A 1 12 ? -2.652  -18.474 -0.781  1.00 15.99 ? 12  DG  A "O4'" 1 
ATOM   228 C  "C3'" . DG  A 1 12 ? -2.894  -20.080 -2.497  1.00 19.75 ? 12  DG  A "C3'" 1 
ATOM   229 O  "O3'" . DG  A 1 12 ? -1.816  -20.997 -2.245  1.00 20.77 ? 12  DG  A "O3'" 1 
ATOM   230 C  "C2'" . DG  A 1 12 ? -3.977  -20.323 -1.464  1.00 18.34 ? 12  DG  A "C2'" 1 
ATOM   231 C  "C1'" . DG  A 1 12 ? -3.527  -19.473 -0.271  1.00 17.59 ? 12  DG  A "C1'" 1 
ATOM   232 N  N9    . DG  A 1 12 ? -4.624  -18.784 0.402   1.00 15.90 ? 12  DG  A N9    1 
ATOM   233 C  C8    . DG  A 1 12 ? -5.836  -18.429 -0.144  1.00 15.17 ? 12  DG  A C8    1 
ATOM   234 N  N7    . DG  A 1 12 ? -6.619  -17.819 0.702   1.00 12.83 ? 12  DG  A N7    1 
ATOM   235 C  C5    . DG  A 1 12 ? -5.883  -17.769 1.878   1.00 13.59 ? 12  DG  A C5    1 
ATOM   236 C  C6    . DG  A 1 12 ? -6.214  -17.225 3.144   1.00 14.28 ? 12  DG  A C6    1 
ATOM   237 O  O6    . DG  A 1 12 ? -7.259  -16.670 3.493   1.00 16.20 ? 12  DG  A O6    1 
ATOM   238 N  N1    . DG  A 1 12 ? -5.174  -17.378 4.054   1.00 15.44 ? 12  DG  A N1    1 
ATOM   239 C  C2    . DG  A 1 12 ? -3.969  -17.978 3.780   1.00 15.56 ? 12  DG  A C2    1 
ATOM   240 N  N2    . DG  A 1 12 ? -3.088  -18.020 4.788   1.00 14.32 ? 12  DG  A N2    1 
ATOM   241 N  N3    . DG  A 1 12 ? -3.651  -18.496 2.604   1.00 14.77 ? 12  DG  A N3    1 
ATOM   242 C  C4    . DG  A 1 12 ? -4.647  -18.357 1.708   1.00 14.01 ? 12  DG  A C4    1 
ATOM   243 O  "O5'" . DC  B 1 1  ? -6.774  -15.872 12.147  1.00 32.43 ? 13  DC  B "O5'" 1 
ATOM   244 C  "C5'" . DC  B 1 1  ? -6.006  -16.880 12.821  1.00 29.95 ? 13  DC  B "C5'" 1 
ATOM   245 C  "C4'" . DC  B 1 1  ? -4.634  -17.011 12.202  1.00 27.92 ? 13  DC  B "C4'" 1 
ATOM   246 O  "O4'" . DC  B 1 1  ? -4.782  -17.350 10.804  1.00 26.45 ? 13  DC  B "O4'" 1 
ATOM   247 C  "C3'" . DC  B 1 1  ? -3.813  -15.723 12.230  1.00 28.10 ? 13  DC  B "C3'" 1 
ATOM   248 O  "O3'" . DC  B 1 1  ? -2.428  -16.031 12.375  1.00 28.24 ? 13  DC  B "O3'" 1 
ATOM   249 C  "C2'" . DC  B 1 1  ? -4.084  -15.100 10.874  1.00 26.57 ? 13  DC  B "C2'" 1 
ATOM   250 C  "C1'" . DC  B 1 1  ? -4.265  -16.314 9.979   1.00 24.65 ? 13  DC  B "C1'" 1 
ATOM   251 N  N1    . DC  B 1 1  ? -5.218  -16.108 8.878   1.00 23.67 ? 13  DC  B N1    1 
ATOM   252 C  C2    . DC  B 1 1  ? -4.835  -16.465 7.581   1.00 21.52 ? 13  DC  B C2    1 
ATOM   253 O  O2    . DC  B 1 1  ? -3.703  -16.940 7.403   1.00 22.15 ? 13  DC  B O2    1 
ATOM   254 N  N3    . DC  B 1 1  ? -5.702  -16.286 6.559   1.00 21.55 ? 13  DC  B N3    1 
ATOM   255 C  C4    . DC  B 1 1  ? -6.915  -15.775 6.796   1.00 23.49 ? 13  DC  B C4    1 
ATOM   256 N  N4    . DC  B 1 1  ? -7.749  -15.626 5.756   1.00 20.12 ? 13  DC  B N4    1 
ATOM   257 C  C5    . DC  B 1 1  ? -7.330  -15.398 8.110   1.00 22.04 ? 13  DC  B C5    1 
ATOM   258 C  C6    . DC  B 1 1  ? -6.459  -15.582 9.111   1.00 21.62 ? 13  DC  B C6    1 
ATOM   259 P  P     . DG  B 1 2  ? -1.374  -14.845 12.613  1.00 29.14 ? 14  DG  B P     1 
ATOM   260 O  OP1   . DG  B 1 2  ? -0.550  -15.193 13.801  1.00 29.05 ? 14  DG  B OP1   1 
ATOM   261 O  OP2   . DG  B 1 2  ? -2.131  -13.567 12.590  1.00 29.29 ? 14  DG  B OP2   1 
ATOM   262 O  "O5'" . DG  B 1 2  ? -0.454  -14.901 11.314  1.00 25.43 ? 14  DG  B "O5'" 1 
ATOM   263 C  "C5'" . DG  B 1 2  ? 0.105   -16.134 10.882  1.00 22.02 ? 14  DG  B "C5'" 1 
ATOM   264 C  "C4'" . DG  B 1 2  ? 0.737   -15.979 9.520   1.00 19.42 ? 14  DG  B "C4'" 1 
ATOM   265 O  "O4'" . DG  B 1 2  ? -0.284  -15.884 8.498   1.00 18.72 ? 14  DG  B "O4'" 1 
ATOM   266 C  "C3'" . DG  B 1 2  ? 1.629   -14.751 9.359   1.00 18.53 ? 14  DG  B "C3'" 1 
ATOM   267 O  "O3'" . DG  B 1 2  ? 2.846   -15.109 8.709   1.00 17.52 ? 14  DG  B "O3'" 1 
ATOM   268 C  "C2'" . DG  B 1 2  ? 0.803   -13.804 8.506   1.00 17.08 ? 14  DG  B "C2'" 1 
ATOM   269 C  "C1'" . DG  B 1 2  ? -0.084  -14.732 7.693   1.00 16.37 ? 14  DG  B "C1'" 1 
ATOM   270 N  N9    . DG  B 1 2  ? -1.401  -14.170 7.403   1.00 15.92 ? 14  DG  B N9    1 
ATOM   271 C  C8    . DG  B 1 2  ? -2.204  -13.475 8.273   1.00 13.62 ? 14  DG  B C8    1 
ATOM   272 N  N7    . DG  B 1 2  ? -3.340  -13.109 7.745   1.00 15.42 ? 14  DG  B N7    1 
ATOM   273 C  C5    . DG  B 1 2  ? -3.287  -13.590 6.442   1.00 14.18 ? 14  DG  B C5    1 
ATOM   274 C  C6    . DG  B 1 2  ? -4.243  -13.507 5.386   1.00 13.76 ? 14  DG  B C6    1 
ATOM   275 O  O6    . DG  B 1 2  ? -5.359  -12.972 5.397   1.00 11.12 ? 14  DG  B O6    1 
ATOM   276 N  N1    . DG  B 1 2  ? -3.782  -14.133 4.227   1.00 11.08 ? 14  DG  B N1    1 
ATOM   277 C  C2    . DG  B 1 2  ? -2.560  -14.748 4.099   1.00 12.90 ? 14  DG  B C2    1 
ATOM   278 N  N2    . DG  B 1 2  ? -2.289  -15.278 2.898   1.00 11.27 ? 14  DG  B N2    1 
ATOM   279 N  N3    . DG  B 1 2  ? -1.664  -14.833 5.078   1.00 11.62 ? 14  DG  B N3    1 
ATOM   280 C  C4    . DG  B 1 2  ? -2.092  -14.240 6.211   1.00 14.22 ? 14  DG  B C4    1 
ATOM   281 P  P     . DC  B 1 3  ? 3.943   -13.982 8.401   1.00 17.34 ? 15  DC  B P     1 
ATOM   282 O  OP1   . DC  B 1 3  ? 5.289   -14.596 8.493   1.00 16.36 ? 15  DC  B OP1   1 
ATOM   283 O  OP2   . DC  B 1 3  ? 3.633   -12.773 9.192   1.00 16.58 ? 15  DC  B OP2   1 
ATOM   284 O  "O5'" . DC  B 1 3  ? 3.655   -13.651 6.874   1.00 18.84 ? 15  DC  B "O5'" 1 
ATOM   285 C  "C5'" . DC  B 1 3  ? 3.444   -14.710 5.946   1.00 17.15 ? 15  DC  B "C5'" 1 
ATOM   286 C  "C4'" . DC  B 1 3  ? 3.069   -14.148 4.600   1.00 14.95 ? 15  DC  B "C4'" 1 
ATOM   287 O  "O4'" . DC  B 1 3  ? 1.674   -13.738 4.597   1.00 13.37 ? 15  DC  B "O4'" 1 
ATOM   288 C  "C3'" . DC  B 1 3  ? 3.894   -12.915 4.254   1.00 14.45 ? 15  DC  B "C3'" 1 
ATOM   289 O  "O3'" . DC  B 1 3  ? 4.439   -13.009 2.945   1.00 16.86 ? 15  DC  B "O3'" 1 
ATOM   290 C  "C2'" . DC  B 1 3  ? 2.908   -11.765 4.355   1.00 15.39 ? 15  DC  B "C2'" 1 
ATOM   291 C  "C1'" . DC  B 1 3  ? 1.561   -12.418 4.088   1.00 13.80 ? 15  DC  B "C1'" 1 
ATOM   292 N  N1    . DC  B 1 3  ? 0.441   -11.748 4.781   1.00 11.18 ? 15  DC  B N1    1 
ATOM   293 C  C2    . DC  B 1 3  ? -0.794  -11.597 4.112   1.00 10.78 ? 15  DC  B C2    1 
ATOM   294 O  O2    . DC  B 1 3  ? -0.913  -12.043 2.960   1.00 8.12  ? 15  DC  B O2    1 
ATOM   295 N  N3    . DC  B 1 3  ? -1.814  -10.966 4.743   1.00 6.05  ? 15  DC  B N3    1 
ATOM   296 C  C4    . DC  B 1 3  ? -1.642  -10.494 5.985   1.00 8.88  ? 15  DC  B C4    1 
ATOM   297 N  N4    . DC  B 1 3  ? -2.667  -9.869  6.573   1.00 7.09  ? 15  DC  B N4    1 
ATOM   298 C  C5    . DC  B 1 3  ? -0.405  -10.640 6.684   1.00 9.41  ? 15  DC  B C5    1 
ATOM   299 C  C6    . DC  B 1 3  ? 0.597   -11.268 6.052   1.00 9.08  ? 15  DC  B C6    1 
ATOM   300 P  P     . DG  B 1 4  ? 5.639   -12.032 2.517   1.00 13.58 ? 16  DG  B P     1 
ATOM   301 O  OP1   . DG  B 1 4  ? 6.888   -12.820 2.415   1.00 16.69 ? 16  DG  B OP1   1 
ATOM   302 O  OP2   . DG  B 1 4  ? 5.606   -10.819 3.373   1.00 18.30 ? 16  DG  B OP2   1 
ATOM   303 O  "O5'" . DG  B 1 4  ? 5.216   -11.608 1.045   1.00 16.76 ? 16  DG  B "O5'" 1 
ATOM   304 C  "C5'" . DG  B 1 4  ? 4.870   -12.606 0.099   1.00 12.53 ? 16  DG  B "C5'" 1 
ATOM   305 C  "C4'" . DG  B 1 4  ? 3.920   -12.044 -0.925  1.00 10.84 ? 16  DG  B "C4'" 1 
ATOM   306 O  "O4'" . DG  B 1 4  ? 2.718   -11.593 -0.264  1.00 13.46 ? 16  DG  B "O4'" 1 
ATOM   307 C  "C3'" . DG  B 1 4  ? 4.445   -10.846 -1.707  1.00 13.48 ? 16  DG  B "C3'" 1 
ATOM   308 O  "O3'" . DG  B 1 4  ? 4.026   -11.008 -3.067  1.00 15.07 ? 16  DG  B "O3'" 1 
ATOM   309 C  "C2'" . DG  B 1 4  ? 3.795   -9.658  -1.013  1.00 10.75 ? 16  DG  B "C2'" 1 
ATOM   310 C  "C1'" . DG  B 1 4  ? 2.464   -10.232 -0.564  1.00 11.11 ? 16  DG  B "C1'" 1 
ATOM   311 N  N9    . DG  B 1 4  ? 1.899   -9.617  0.636   1.00 11.35 ? 16  DG  B N9    1 
ATOM   312 C  C8    . DG  B 1 4  ? 2.571   -9.260  1.781   1.00 9.42  ? 16  DG  B C8    1 
ATOM   313 N  N7    . DG  B 1 4  ? 1.788   -8.758  2.697   1.00 10.72 ? 16  DG  B N7    1 
ATOM   314 C  C5    . DG  B 1 4  ? 0.527   -8.781  2.124   1.00 9.35  ? 16  DG  B C5    1 
ATOM   315 C  C6    . DG  B 1 4  ? -0.728  -8.376  2.647   1.00 9.31  ? 16  DG  B C6    1 
ATOM   316 O  O6    . DG  B 1 4  ? -0.986  -7.900  3.756   1.00 6.49  ? 16  DG  B O6    1 
ATOM   317 N  N1    . DG  B 1 4  ? -1.749  -8.570  1.727   1.00 8.84  ? 16  DG  B N1    1 
ATOM   318 C  C2    . DG  B 1 4  ? -1.588  -9.081  0.467   1.00 9.84  ? 16  DG  B C2    1 
ATOM   319 N  N2    . DG  B 1 4  ? -2.699  -9.169  -0.283  1.00 9.38  ? 16  DG  B N2    1 
ATOM   320 N  N3    . DG  B 1 4  ? -0.426  -9.472  -0.029  1.00 10.87 ? 16  DG  B N3    1 
ATOM   321 C  C4    . DG  B 1 4  ? 0.579   -9.297  0.848   1.00 9.89  ? 16  DG  B C4    1 
ATOM   322 P  P     . DA  B 1 5  ? 3.998   -9.752  -4.062  1.00 15.05 ? 17  DA  B P     1 
ATOM   323 O  OP1   . DA  B 1 5  ? 4.302   -10.279 -5.417  1.00 16.48 ? 17  DA  B OP1   1 
ATOM   324 O  OP2   . DA  B 1 5  ? 4.824   -8.657  -3.499  1.00 14.01 ? 17  DA  B OP2   1 
ATOM   325 O  "O5'" . DA  B 1 5  ? 2.471   -9.303  -4.018  1.00 15.03 ? 17  DA  B "O5'" 1 
ATOM   326 C  "C5'" . DA  B 1 5  ? 1.438   -10.253 -4.246  1.00 13.01 ? 17  DA  B "C5'" 1 
ATOM   327 C  "C4'" . DA  B 1 5  ? 0.119   -9.551  -4.466  1.00 15.22 ? 17  DA  B "C4'" 1 
ATOM   328 O  "O4'" . DA  B 1 5  ? -0.352  -8.976  -3.226  1.00 15.76 ? 17  DA  B "O4'" 1 
ATOM   329 C  "C3'" . DA  B 1 5  ? 0.154   -8.412  -5.482  1.00 16.21 ? 17  DA  B "C3'" 1 
ATOM   330 O  "O3'" . DA  B 1 5  ? -1.041  -8.458  -6.265  1.00 16.90 ? 17  DA  B "O3'" 1 
ATOM   331 C  "C2'" . DA  B 1 5  ? 0.230   -7.163  -4.616  1.00 15.78 ? 17  DA  B "C2'" 1 
ATOM   332 C  "C1'" . DA  B 1 5  ? -0.498  -7.565  -3.340  1.00 15.60 ? 17  DA  B "C1'" 1 
ATOM   333 N  N9    . DA  B 1 5  ? 0.039   -6.979  -2.107  1.00 13.40 ? 17  DA  B N9    1 
ATOM   334 C  C8    . DA  B 1 5  ? 1.343   -6.994  -1.677  1.00 14.19 ? 17  DA  B C8    1 
ATOM   335 N  N7    . DA  B 1 5  ? 1.517   -6.450  -0.494  1.00 12.52 ? 17  DA  B N7    1 
ATOM   336 C  C5    . DA  B 1 5  ? 0.246   -6.038  -0.126  1.00 11.78 ? 17  DA  B C5    1 
ATOM   337 C  C6    . DA  B 1 5  ? -0.246  -5.415  1.036   1.00 12.29 ? 17  DA  B C6    1 
ATOM   338 N  N6    . DA  B 1 5  ? 0.513   -5.110  2.092   1.00 12.04 ? 17  DA  B N6    1 
ATOM   339 N  N1    . DA  B 1 5  ? -1.563  -5.123  1.083   1.00 11.61 ? 17  DA  B N1    1 
ATOM   340 C  C2    . DA  B 1 5  ? -2.330  -5.461  0.035   1.00 13.05 ? 17  DA  B C2    1 
ATOM   341 N  N3    . DA  B 1 5  ? -1.988  -6.069  -1.102  1.00 11.81 ? 17  DA  B N3    1 
ATOM   342 C  C4    . DA  B 1 5  ? -0.671  -6.335  -1.120  1.00 12.35 ? 17  DA  B C4    1 
ATOM   343 P  P     . DA  B 1 6  ? -1.252  -7.422  -7.474  1.00 18.75 ? 18  DA  B P     1 
ATOM   344 O  OP1   . DA  B 1 6  ? -2.153  -8.072  -8.463  1.00 16.45 ? 18  DA  B OP1   1 
ATOM   345 O  OP2   . DA  B 1 6  ? 0.077   -6.920  -7.909  1.00 19.68 ? 18  DA  B OP2   1 
ATOM   346 O  "O5'" . DA  B 1 6  ? -2.022  -6.222  -6.767  1.00 17.88 ? 18  DA  B "O5'" 1 
ATOM   347 C  "C5'" . DA  B 1 6  ? -3.169  -6.485  -5.970  1.00 17.59 ? 18  DA  B "C5'" 1 
ATOM   348 C  "C4'" . DA  B 1 6  ? -3.679  -5.214  -5.334  1.00 17.76 ? 18  DA  B "C4'" 1 
ATOM   349 O  "O4'" . DA  B 1 6  ? -2.988  -4.905  -4.096  1.00 13.43 ? 18  DA  B "O4'" 1 
ATOM   350 C  "C3'" . DA  B 1 6  ? -3.594  -3.962  -6.210  1.00 18.92 ? 18  DA  B "C3'" 1 
ATOM   351 O  "O3'" . DA  B 1 6  ? -4.861  -3.300  -6.181  1.00 21.57 ? 18  DA  B "O3'" 1 
ATOM   352 C  "C2'" . DA  B 1 6  ? -2.516  -3.125  -5.533  1.00 14.66 ? 18  DA  B "C2'" 1 
ATOM   353 C  "C1'" . DA  B 1 6  ? -2.658  -3.527  -4.069  1.00 11.84 ? 18  DA  B "C1'" 1 
ATOM   354 N  N9    . DA  B 1 6  ? -1.459  -3.369  -3.237  1.00 8.79  ? 18  DA  B N9    1 
ATOM   355 C  C8    . DA  B 1 6  ? -0.168  -3.742  -3.533  1.00 8.38  ? 18  DA  B C8    1 
ATOM   356 N  N7    . DA  B 1 6  ? 0.688   -3.508  -2.567  1.00 8.17  ? 18  DA  B N7    1 
ATOM   357 C  C5    . DA  B 1 6  ? -0.089  -2.939  -1.564  1.00 8.95  ? 18  DA  B C5    1 
ATOM   358 C  C6    . DA  B 1 6  ? 0.223   -2.485  -0.258  1.00 7.76  ? 18  DA  B C6    1 
ATOM   359 N  N6    . DA  B 1 6  ? 1.437   -2.575  0.294   1.00 4.95  ? 18  DA  B N6    1 
ATOM   360 N  N1    . DA  B 1 6  ? -0.776  -1.949  0.472   1.00 7.77  ? 18  DA  B N1    1 
ATOM   361 C  C2    . DA  B 1 6  ? -2.009  -1.904  -0.063  1.00 9.05  ? 18  DA  B C2    1 
ATOM   362 N  N3    . DA  B 1 6  ? -2.430  -2.321  -1.258  1.00 6.10  ? 18  DA  B N3    1 
ATOM   363 C  C4    . DA  B 1 6  ? -1.410  -2.830  -1.970  1.00 8.56  ? 18  DA  B C4    1 
HETATM 364 P  P     . MTR B 1 7  ? -5.117  -2.009  -7.101  1.00 23.66 ? 19  MTR B P     1 
HETATM 365 O  OP1   . MTR B 1 7  ? -6.361  -2.252  -7.875  1.00 23.28 ? 19  MTR B OP1   1 
HETATM 366 O  OP2   . MTR B 1 7  ? -3.857  -1.659  -7.813  1.00 24.02 ? 19  MTR B OP2   1 
HETATM 367 O  "O5'" . MTR B 1 7  ? -5.425  -0.890  -6.018  1.00 21.34 ? 19  MTR B "O5'" 1 
HETATM 368 C  C1    . MTR B 1 7  ? -2.748  0.806   -2.802  1.00 16.93 ? 19  MTR B C1    1 
HETATM 369 C  C6    . MTR B 1 7  ? -1.960  0.301   -3.818  1.00 14.74 ? 19  MTR B C6    1 
HETATM 370 C  C2    . MTR B 1 7  ? -2.200  1.186   -1.595  1.00 14.52 ? 19  MTR B C2    1 
HETATM 371 N  N3    . MTR B 1 7  ? -0.844  0.996   -1.493  1.00 12.64 ? 19  MTR B N3    1 
HETATM 372 C  C4    . MTR B 1 7  ? 0.001   0.486   -2.457  1.00 12.50 ? 19  MTR B C4    1 
HETATM 373 O  O4    . MTR B 1 7  ? 1.193   0.360   -2.212  1.00 12.44 ? 19  MTR B O4    1 
HETATM 374 C  C5    . MTR B 1 7  ? -0.631  0.129   -3.711  1.00 14.15 ? 19  MTR B C5    1 
HETATM 375 C  C5M   . MTR B 1 7  ? 0.216   -0.407  -4.823  1.00 10.69 ? 19  MTR B C5M   1 
HETATM 376 C  "C2'" . MTR B 1 7  ? -4.698  1.758   -4.134  1.00 19.44 ? 19  MTR B "C2'" 1 
HETATM 377 C  "C5'" . MTR B 1 7  ? -6.215  -1.224  -4.885  1.00 21.37 ? 19  MTR B "C5'" 1 
HETATM 378 C  "C4'" . MTR B 1 7  ? -6.049  -0.193  -3.797  1.00 20.70 ? 19  MTR B "C4'" 1 
HETATM 379 O  "O4'" . MTR B 1 7  ? -4.772  -0.334  -3.124  1.00 19.30 ? 19  MTR B "O4'" 1 
HETATM 380 C  "C1'" . MTR B 1 7  ? -4.210  0.954   -2.948  1.00 17.54 ? 19  MTR B "C1'" 1 
HETATM 381 C  "C3'" . MTR B 1 7  ? -6.128  1.256   -4.273  1.00 19.70 ? 19  MTR B "C3'" 1 
HETATM 382 O  "O3'" . MTR B 1 7  ? -7.003  1.973   -3.408  1.00 21.07 ? 19  MTR B "O3'" 1 
ATOM   383 P  P     . DT  B 1 8  ? -7.331  3.512   -3.704  1.00 22.17 ? 20  DT  B P     1 
ATOM   384 O  OP1   . DT  B 1 8  ? -8.797  3.716   -3.625  1.00 22.19 ? 20  DT  B OP1   1 
ATOM   385 O  OP2   . DT  B 1 8  ? -6.610  3.896   -4.942  1.00 24.20 ? 20  DT  B OP2   1 
ATOM   386 O  "O5'" . DT  B 1 8  ? -6.644  4.234   -2.466  1.00 21.59 ? 20  DT  B "O5'" 1 
ATOM   387 C  "C5'" . DT  B 1 8  ? -6.649  3.613   -1.186  1.00 20.61 ? 20  DT  B "C5'" 1 
ATOM   388 C  "C4'" . DT  B 1 8  ? -5.713  4.332   -0.248  1.00 21.52 ? 20  DT  B "C4'" 1 
ATOM   389 O  "O4'" . DT  B 1 8  ? -4.336  3.977   -0.522  1.00 22.95 ? 20  DT  B "O4'" 1 
ATOM   390 C  "C3'" . DT  B 1 8  ? -5.783  5.853   -0.336  1.00 23.27 ? 20  DT  B "C3'" 1 
ATOM   391 O  "O3'" . DT  B 1 8  ? -5.721  6.394   0.986   1.00 25.89 ? 20  DT  B "O3'" 1 
ATOM   392 C  "C2'" . DT  B 1 8  ? -4.554  6.217   -1.155  1.00 22.29 ? 20  DT  B "C2'" 1 
ATOM   393 C  "C1'" . DT  B 1 8  ? -3.565  5.151   -0.720  1.00 20.90 ? 20  DT  B "C1'" 1 
ATOM   394 N  N1    . DT  B 1 8  ? -2.466  4.815   -1.651  1.00 18.33 ? 20  DT  B N1    1 
ATOM   395 C  C2    . DT  B 1 8  ? -1.187  4.809   -1.135  1.00 16.57 ? 20  DT  B C2    1 
ATOM   396 O  O2    . DT  B 1 8  ? -0.930  5.156   0.002   1.00 14.91 ? 20  DT  B O2    1 
ATOM   397 N  N3    . DT  B 1 8  ? -0.217  4.381   -2.002  1.00 15.78 ? 20  DT  B N3    1 
ATOM   398 C  C4    . DT  B 1 8  ? -0.387  3.974   -3.308  1.00 16.97 ? 20  DT  B C4    1 
ATOM   399 O  O4    . DT  B 1 8  ? 0.570   3.562   -3.944  1.00 16.27 ? 20  DT  B O4    1 
ATOM   400 C  C5    . DT  B 1 8  ? -1.742  4.065   -3.813  1.00 17.80 ? 20  DT  B C5    1 
ATOM   401 C  C7    . DT  B 1 8  ? -2.001  3.702   -5.241  1.00 16.75 ? 20  DT  B C7    1 
ATOM   402 C  C6    . DT  B 1 8  ? -2.705  4.477   -2.968  1.00 17.33 ? 20  DT  B C6    1 
ATOM   403 P  P     . DC  B 1 9  ? -6.339  7.847   1.279   1.00 27.26 ? 21  DC  B P     1 
ATOM   404 O  OP1   . DC  B 1 9  ? -6.850  7.858   2.677   1.00 27.61 ? 21  DC  B OP1   1 
ATOM   405 O  OP2   . DC  B 1 9  ? -7.259  8.193   0.165   1.00 25.84 ? 21  DC  B OP2   1 
ATOM   406 O  "O5'" . DC  B 1 9  ? -5.066  8.797   1.168   1.00 23.52 ? 21  DC  B "O5'" 1 
ATOM   407 C  "C5'" . DC  B 1 9  ? -4.070  8.810   2.184   1.00 21.43 ? 21  DC  B "C5'" 1 
ATOM   408 C  "C4'" . DC  B 1 9  ? -2.918  9.698   1.772   1.00 22.27 ? 21  DC  B "C4'" 1 
ATOM   409 O  "O4'" . DC  B 1 9  ? -1.955  8.976   0.963   1.00 20.35 ? 21  DC  B "O4'" 1 
ATOM   410 C  "C3'" . DC  B 1 9  ? -3.330  10.928  0.955   1.00 22.98 ? 21  DC  B "C3'" 1 
ATOM   411 O  "O3'" . DC  B 1 9  ? -2.611  12.068  1.410   1.00 23.89 ? 21  DC  B "O3'" 1 
ATOM   412 C  "C2'" . DC  B 1 9  ? -2.870  10.584  -0.451  1.00 22.21 ? 21  DC  B "C2'" 1 
ATOM   413 C  "C1'" . DC  B 1 9  ? -1.617  9.789   -0.148  1.00 19.52 ? 21  DC  B "C1'" 1 
ATOM   414 N  N1    . DC  B 1 9  ? -1.101  8.930   -1.224  1.00 16.14 ? 21  DC  B N1    1 
ATOM   415 C  C2    . DC  B 1 9  ? 0.208   8.462   -1.118  1.00 15.80 ? 21  DC  B C2    1 
ATOM   416 O  O2    . DC  B 1 9  ? 0.859   8.733   -0.094  1.00 15.42 ? 21  DC  B O2    1 
ATOM   417 N  N3    . DC  B 1 9  ? 0.732   7.725   -2.123  1.00 15.12 ? 21  DC  B N3    1 
ATOM   418 C  C4    . DC  B 1 9  ? -0.006  7.439   -3.194  1.00 13.48 ? 21  DC  B C4    1 
ATOM   419 N  N4    . DC  B 1 9  ? 0.563   6.718   -4.162  1.00 11.49 ? 21  DC  B N4    1 
ATOM   420 C  C5    . DC  B 1 9  ? -1.358  7.879   -3.319  1.00 14.20 ? 21  DC  B C5    1 
ATOM   421 C  C6    . DC  B 1 9  ? -1.862  8.613   -2.316  1.00 15.83 ? 21  DC  B C6    1 
ATOM   422 P  P     . DG  B 1 10 ? -3.262  13.016  2.530   1.00 26.66 ? 22  DG  B P     1 
ATOM   423 O  OP1   . DG  B 1 10 ? -3.656  12.169  3.683   1.00 23.86 ? 22  DG  B OP1   1 
ATOM   424 O  OP2   . DG  B 1 10 ? -4.273  13.879  1.863   1.00 26.11 ? 22  DG  B OP2   1 
ATOM   425 O  "O5'" . DG  B 1 10 ? -2.037  13.914  2.992   1.00 25.08 ? 22  DG  B "O5'" 1 
ATOM   426 C  "C5'" . DG  B 1 10 ? -0.924  13.321  3.657   1.00 22.53 ? 22  DG  B "C5'" 1 
ATOM   427 C  "C4'" . DG  B 1 10 ? 0.351   13.642  2.916   1.00 20.99 ? 22  DG  B "C4'" 1 
ATOM   428 O  "O4'" . DG  B 1 10 ? 0.556   12.760  1.783   1.00 19.05 ? 22  DG  B "O4'" 1 
ATOM   429 C  "C3'" . DG  B 1 10 ? 0.417   15.070  2.364   1.00 20.43 ? 22  DG  B "C3'" 1 
ATOM   430 O  "O3'" . DG  B 1 10 ? 1.722   15.581  2.596   1.00 21.40 ? 22  DG  B "O3'" 1 
ATOM   431 C  "C2'" . DG  B 1 10 ? 0.234   14.873  0.868   1.00 18.18 ? 22  DG  B "C2'" 1 
ATOM   432 C  "C1'" . DG  B 1 10 ? 0.964   13.560  0.685   1.00 17.18 ? 22  DG  B "C1'" 1 
ATOM   433 N  N9    . DG  B 1 10 ? 0.714   12.829  -0.554  1.00 14.43 ? 22  DG  B N9    1 
ATOM   434 C  C8    . DG  B 1 10 ? -0.443  12.792  -1.297  1.00 14.77 ? 22  DG  B C8    1 
ATOM   435 N  N7    . DG  B 1 10 ? -0.340  12.054  -2.372  1.00 12.92 ? 22  DG  B N7    1 
ATOM   436 C  C5    . DG  B 1 10 ? 0.963   11.570  -2.333  1.00 11.63 ? 22  DG  B C5    1 
ATOM   437 C  C6    . DG  B 1 10 ? 1.662   10.711  -3.232  1.00 9.73  ? 22  DG  B C6    1 
ATOM   438 O  O6    . DG  B 1 10 ? 1.249   10.172  -4.268  1.00 11.97 ? 22  DG  B O6    1 
ATOM   439 N  N1    . DG  B 1 10 ? 2.971   10.493  -2.818  1.00 9.76  ? 22  DG  B N1    1 
ATOM   440 C  C2    . DG  B 1 10 ? 3.541   11.018  -1.685  1.00 8.23  ? 22  DG  B C2    1 
ATOM   441 N  N2    . DG  B 1 10 ? 4.827   10.693  -1.471  1.00 5.78  ? 22  DG  B N2    1 
ATOM   442 N  N3    . DG  B 1 10 ? 2.901   11.805  -0.830  1.00 9.65  ? 22  DG  B N3    1 
ATOM   443 C  C4    . DG  B 1 10 ? 1.626   12.041  -1.216  1.00 12.95 ? 22  DG  B C4    1 
ATOM   444 P  P     . DC  B 1 11 ? 1.924   17.123  2.972   1.00 23.09 ? 23  DC  B P     1 
ATOM   445 O  OP1   . DC  B 1 11 ? 1.367   17.371  4.327   1.00 23.63 ? 23  DC  B OP1   1 
ATOM   446 O  OP2   . DC  B 1 11 ? 1.470   17.957  1.830   1.00 23.72 ? 23  DC  B OP2   1 
ATOM   447 O  "O5'" . DC  B 1 11 ? 3.507   17.231  3.057   1.00 22.24 ? 23  DC  B "O5'" 1 
ATOM   448 C  "C5'" . DC  B 1 11 ? 4.276   16.172  3.632   1.00 21.55 ? 23  DC  B "C5'" 1 
ATOM   449 C  "C4'" . DC  B 1 11 ? 5.508   15.922  2.796   1.00 19.54 ? 23  DC  B "C4'" 1 
ATOM   450 O  "O4'" . DC  B 1 11 ? 5.192   15.029  1.696   1.00 18.92 ? 23  DC  B "O4'" 1 
ATOM   451 C  "C3'" . DC  B 1 11 ? 6.032   17.216  2.175   1.00 18.12 ? 23  DC  B "C3'" 1 
ATOM   452 O  "O3'" . DC  B 1 11 ? 7.429   17.391  2.345   1.00 19.04 ? 23  DC  B "O3'" 1 
ATOM   453 C  "C2'" . DC  B 1 11 ? 5.702   17.085  0.704   1.00 18.59 ? 23  DC  B "C2'" 1 
ATOM   454 C  "C1'" . DC  B 1 11 ? 5.647   15.586  0.471   1.00 15.84 ? 23  DC  B "C1'" 1 
ATOM   455 N  N1    . DC  B 1 11 ? 4.668   15.262  -0.580  1.00 11.62 ? 23  DC  B N1    1 
ATOM   456 C  C2    . DC  B 1 11 ? 5.056   14.452  -1.667  1.00 10.44 ? 23  DC  B C2    1 
ATOM   457 O  O2    . DC  B 1 11 ? 6.193   13.933  -1.665  1.00 5.47  ? 23  DC  B O2    1 
ATOM   458 N  N3    . DC  B 1 11 ? 4.178   14.254  -2.687  1.00 9.00  ? 23  DC  B N3    1 
ATOM   459 C  C4    . DC  B 1 11 ? 2.957   14.803  -2.633  1.00 9.12  ? 23  DC  B C4    1 
ATOM   460 N  N4    . DC  B 1 11 ? 2.126   14.600  -3.658  1.00 7.19  ? 23  DC  B N4    1 
ATOM   461 C  C5    . DC  B 1 11 ? 2.532   15.590  -1.522  1.00 11.17 ? 23  DC  B C5    1 
ATOM   462 C  C6    . DC  B 1 11 ? 3.407   15.784  -0.527  1.00 9.83  ? 23  DC  B C6    1 
ATOM   463 P  P     . DG  B 1 12 ? 8.095   18.791  1.928   1.00 20.87 ? 24  DG  B P     1 
ATOM   464 O  OP1   . DG  B 1 12 ? 8.927   19.282  3.053   1.00 20.95 ? 24  DG  B OP1   1 
ATOM   465 O  OP2   . DG  B 1 12 ? 7.013   19.660  1.376   1.00 20.56 ? 24  DG  B OP2   1 
ATOM   466 O  "O5'" . DG  B 1 12 ? 9.064   18.389  0.729   1.00 18.66 ? 24  DG  B "O5'" 1 
ATOM   467 C  "C5'" . DG  B 1 12 ? 10.110  17.453  0.941   1.00 15.26 ? 24  DG  B "C5'" 1 
ATOM   468 C  "C4'" . DG  B 1 12 ? 10.691  17.005  -0.379  1.00 13.69 ? 24  DG  B "C4'" 1 
ATOM   469 O  "O4'" . DG  B 1 12 ? 9.644   16.339  -1.125  1.00 9.87  ? 24  DG  B "O4'" 1 
ATOM   470 C  "C3'" . DG  B 1 12 ? 11.223  18.138  -1.263  1.00 13.16 ? 24  DG  B "C3'" 1 
ATOM   471 O  "O3'" . DG  B 1 12 ? 12.498  17.811  -1.814  1.00 19.13 ? 24  DG  B "O3'" 1 
ATOM   472 C  "C2'" . DG  B 1 12 ? 10.206  18.250  -2.379  1.00 12.01 ? 24  DG  B "C2'" 1 
ATOM   473 C  "C1'" . DG  B 1 12 ? 9.535   16.881  -2.435  1.00 10.14 ? 24  DG  B "C1'" 1 
ATOM   474 N  N9    . DG  B 1 12 ? 8.115   17.033  -2.734  1.00 5.81  ? 24  DG  B N9    1 
ATOM   475 C  C8    . DG  B 1 12 ? 7.205   17.727  -1.972  1.00 5.34  ? 24  DG  B C8    1 
ATOM   476 N  N7    . DG  B 1 12 ? 6.012   17.762  -2.500  1.00 4.59  ? 24  DG  B N7    1 
ATOM   477 C  C5    . DG  B 1 12 ? 6.136   17.037  -3.679  1.00 4.72  ? 24  DG  B C5    1 
ATOM   478 C  C6    . DG  B 1 12 ? 5.174   16.748  -4.681  1.00 5.80  ? 24  DG  B C6    1 
ATOM   479 O  O6    . DG  B 1 12 ? 3.986   17.085  -4.724  1.00 5.70  ? 24  DG  B O6    1 
ATOM   480 N  N1    . DG  B 1 12 ? 5.720   15.989  -5.714  1.00 3.93  ? 24  DG  B N1    1 
ATOM   481 C  C2    . DG  B 1 12 ? 7.026   15.566  -5.776  1.00 5.14  ? 24  DG  B C2    1 
ATOM   482 N  N2    . DG  B 1 12 ? 7.360   14.846  -6.859  1.00 3.48  ? 24  DG  B N2    1 
ATOM   483 N  N3    . DG  B 1 12 ? 7.936   15.830  -4.846  1.00 4.60  ? 24  DG  B N3    1 
ATOM   484 C  C4    . DG  B 1 12 ? 7.426   16.567  -3.834  1.00 3.61  ? 24  DG  B C4    1 
HETATM 485 MG MG    . MG  C 2 .  ? -0.999  11.376  -7.631  1.00 16.25 ? 25  MG  A MG    1 
HETATM 486 O  O     . HOH D 3 .  ? -5.369  -2.539  -0.751  1.00 4.13  ? 26  HOH A O     1 
HETATM 487 O  O     . HOH D 3 .  ? 4.499   1.015   7.320   1.00 13.85 ? 27  HOH A O     1 
HETATM 488 O  O     . HOH D 3 .  ? 0.189   0.514   9.463   1.00 14.07 ? 28  HOH A O     1 
HETATM 489 O  O     . HOH D 3 .  ? -1.027  15.267  -6.489  1.00 13.90 ? 30  HOH A O     1 
HETATM 490 O  O     . HOH D 3 .  ? -3.747  -6.398  7.684   1.00 14.68 ? 31  HOH A O     1 
HETATM 491 O  O     . HOH D 3 .  ? -10.131 -12.534 3.214   1.00 11.83 ? 32  HOH A O     1 
HETATM 492 O  O     . HOH D 3 .  ? 3.123   8.604   -11.661 1.00 22.18 ? 33  HOH A O     1 
HETATM 493 O  O     . HOH D 3 .  ? 1.093   -4.828  5.913   1.00 22.37 ? 35  HOH A O     1 
HETATM 494 O  O     . HOH D 3 .  ? 6.685   8.463   1.674   1.00 13.51 ? 36  HOH A O     1 
HETATM 495 O  O     . HOH D 3 .  ? -1.553  5.189   4.018   1.00 15.54 ? 37  HOH A O     1 
HETATM 496 O  O     . HOH D 3 .  ? 5.006   -0.660  2.140   1.00 22.77 ? 38  HOH A O     1 
HETATM 497 O  O     . HOH D 3 .  ? 3.158   0.165   9.564   1.00 12.58 ? 40  HOH A O     1 
HETATM 498 O  O     . HOH D 3 .  ? 9.256   8.235   2.312   1.00 31.57 ? 47  HOH A O     1 
HETATM 499 O  O     . HOH D 3 .  ? 6.701   4.793   -8.548  1.00 27.67 ? 49  HOH A O     1 
HETATM 500 O  O     . HOH D 3 .  ? -8.398  -4.966  -4.010  1.00 18.08 ? 50  HOH A O     1 
HETATM 501 O  O     . HOH D 3 .  ? -6.106  0.330   0.377   1.00 21.34 ? 52  HOH A O     1 
HETATM 502 O  O     . HOH D 3 .  ? -6.111  -4.375  -2.710  1.00 15.75 ? 55  HOH A O     1 
HETATM 503 O  O     . HOH D 3 .  ? -1.102  8.230   -10.645 1.00 31.78 ? 59  HOH A O     1 
HETATM 504 O  O     . HOH D 3 .  ? 1.556   7.074   -7.926  1.00 27.16 ? 60  HOH A O     1 
HETATM 505 O  O     . HOH D 3 .  ? -3.947  0.863   1.710   1.00 19.58 ? 61  HOH A O     1 
HETATM 506 O  O     . HOH D 3 .  ? 0.953   9.535   -11.028 1.00 22.62 ? 62  HOH A O     1 
HETATM 507 O  O     . HOH D 3 .  ? -9.559  -17.582 -0.928  1.00 27.56 ? 63  HOH A O     1 
HETATM 508 O  O     . HOH D 3 .  ? -2.172  -0.861  9.528   1.00 25.85 ? 64  HOH A O     1 
HETATM 509 O  O     . HOH D 3 .  ? 6.644   8.016   6.654   1.00 18.58 ? 65  HOH A O     1 
HETATM 510 O  O     . HOH D 3 .  ? 3.647   -2.960  3.630   1.00 20.83 ? 75  HOH A O     1 
HETATM 511 O  O     . HOH D 3 .  ? -9.139  -7.847  5.216   1.00 25.68 ? 76  HOH A O     1 
HETATM 512 O  O     . HOH D 3 .  ? 14.249  6.027   -6.289  1.00 27.75 ? 116 HOH A O     1 
HETATM 513 O  O     . HOH D 3 .  ? 8.255   9.303   4.493   1.00 33.54 ? 120 HOH A O     1 
HETATM 514 O  O     . HOH D 3 .  ? -9.145  -10.021 -5.610  1.00 32.98 ? 121 HOH A O     1 
HETATM 515 O  O     . HOH D 3 .  ? 6.079   6.346   9.660   1.00 12.91 ? 125 HOH A O     1 
HETATM 516 O  O     . HOH D 3 .  ? 4.012   8.971   6.204   1.00 25.65 ? 133 HOH A O     1 
HETATM 517 O  O     . HOH D 3 .  ? -9.415  1.372   6.894   1.00 33.68 ? 135 HOH A O     1 
HETATM 518 O  O     . HOH D 3 .  ? -10.338 -5.561  -8.153  1.00 37.22 ? 137 HOH A O     1 
HETATM 519 O  O     . HOH D 3 .  ? -8.585  -5.347  6.813   1.00 25.94 ? 138 HOH A O     1 
HETATM 520 O  O     . HOH D 3 .  ? 3.446   5.994   3.457   1.00 20.32 ? 142 HOH A O     1 
HETATM 521 O  O     . HOH D 3 .  ? -1.329  7.345   5.319   1.00 16.12 ? 144 HOH A O     1 
HETATM 522 O  O     . HOH D 3 .  ? -4.852  -16.640 -9.331  1.00 24.42 ? 147 HOH A O     1 
HETATM 523 O  O     . HOH D 3 .  ? 15.046  6.244   -3.374  1.00 42.45 ? 149 HOH A O     1 
HETATM 524 O  O     . HOH D 3 .  ? -8.006  -17.113 -6.170  1.00 38.14 ? 152 HOH A O     1 
HETATM 525 O  O     . HOH D 3 .  ? 8.151   3.327   -5.628  1.00 30.28 ? 153 HOH A O     1 
HETATM 526 O  O     . HOH D 3 .  ? 1.754   11.013  -15.896 1.00 18.16 ? 157 HOH A O     1 
HETATM 527 O  O     . HOH D 3 .  ? 5.444   8.281   3.976   1.00 36.37 ? 171 HOH A O     1 
HETATM 528 O  O     . HOH D 3 .  ? -9.274  5.201   10.426  1.00 36.66 ? 182 HOH A O     1 
HETATM 529 O  O     . HOH D 3 .  ? 0.276   12.658  -6.690  1.00 16.06 ? 184 HOH A O     1 
HETATM 530 O  O     . HOH D 3 .  ? -1.026  12.481  -9.295  1.00 15.50 ? 185 HOH A O     1 
HETATM 531 O  O     . HOH D 3 .  ? -2.147  10.168  -8.670  1.00 17.22 ? 186 HOH A O     1 
HETATM 532 O  O     . HOH D 3 .  ? 0.677   10.688  -8.676  1.00 16.91 ? 187 HOH A O     1 
HETATM 533 O  O     . HOH D 3 .  ? -2.667  12.144  -6.868  1.00 17.92 ? 188 HOH A O     1 
HETATM 534 O  O     . HOH E 3 .  ? -1.335  7.242   -6.501  1.00 14.14 ? 29  HOH B O     1 
HETATM 535 O  O     . HOH E 3 .  ? -4.385  -6.396  -2.310  1.00 5.24  ? 34  HOH B O     1 
HETATM 536 O  O     . HOH E 3 .  ? -2.384  11.595  -4.208  1.00 14.38 ? 41  HOH B O     1 
HETATM 537 O  O     . HOH E 3 .  ? -0.606  16.437  -3.215  1.00 19.40 ? 42  HOH B O     1 
HETATM 538 O  O     . HOH E 3 .  ? -1.430  6.764   1.783   1.00 32.45 ? 43  HOH B O     1 
HETATM 539 O  O     . HOH E 3 .  ? 3.496   12.250  1.767   1.00 16.60 ? 46  HOH B O     1 
HETATM 540 O  O     . HOH E 3 .  ? 0.193   -4.035  -6.770  1.00 33.88 ? 48  HOH B O     1 
HETATM 541 O  O     . HOH E 3 .  ? 13.424  18.350  1.034   1.00 12.20 ? 53  HOH B O     1 
HETATM 542 O  O     . HOH E 3 .  ? -1.767  0.601   -7.457  1.00 34.88 ? 54  HOH B O     1 
HETATM 543 O  O     . HOH E 3 .  ? -4.898  -8.854  -3.251  1.00 10.09 ? 56  HOH B O     1 
HETATM 544 O  O     . HOH E 3 .  ? 3.922   -5.909  0.177   1.00 15.77 ? 68  HOH B O     1 
HETATM 545 O  O     . HOH E 3 .  ? 3.891   -3.317  -0.515  1.00 24.25 ? 79  HOH B O     1 
HETATM 546 O  O     . HOH E 3 .  ? 2.007   2.529   -5.932  1.00 25.68 ? 87  HOH B O     1 
HETATM 547 O  O     . HOH E 3 .  ? 3.712   -3.581  -2.978  1.00 24.76 ? 88  HOH B O     1 
HETATM 548 O  O     . HOH E 3 .  ? 5.992   11.974  2.550   1.00 28.72 ? 89  HOH B O     1 
HETATM 549 O  O     . HOH E 3 .  ? -9.795  -10.844 6.031   1.00 34.63 ? 98  HOH B O     1 
HETATM 550 O  O     . HOH E 3 .  ? -6.608  -8.544  -5.429  1.00 19.18 ? 99  HOH B O     1 
HETATM 551 O  O     . HOH E 3 .  ? 3.606   13.519  4.461   1.00 33.95 ? 106 HOH B O     1 
HETATM 552 O  O     . HOH E 3 .  ? -5.578  -11.302 8.549   1.00 17.12 ? 108 HOH B O     1 
HETATM 553 O  O     . HOH E 3 .  ? 0.466   -7.044  12.469  1.00 42.20 ? 109 HOH B O     1 
HETATM 554 O  O     . HOH E 3 .  ? -7.382  -11.755 6.880   1.00 21.24 ? 110 HOH B O     1 
HETATM 555 O  O     . HOH E 3 .  ? 1.711   9.438   3.635   1.00 13.03 ? 122 HOH B O     1 
HETATM 556 O  O     . HOH E 3 .  ? -0.554  13.144  7.184   1.00 39.41 ? 123 HOH B O     1 
HETATM 557 O  O     . HOH E 3 .  ? -9.668  2.261   -2.028  1.00 24.29 ? 126 HOH B O     1 
HETATM 558 O  O     . HOH E 3 .  ? -7.618  -12.605 10.992  1.00 29.58 ? 136 HOH B O     1 
HETATM 559 O  O     . HOH E 3 .  ? 1.343   11.457  5.253   1.00 28.89 ? 141 HOH B O     1 
HETATM 560 O  O     . HOH E 3 .  ? 3.481   -0.659  -3.201  1.00 20.89 ? 148 HOH B O     1 
HETATM 561 O  O     . HOH E 3 .  ? -9.453  4.923   -1.456  1.00 27.46 ? 150 HOH B O     1 
HETATM 562 O  O     . HOH E 3 .  ? -2.657  -9.230  9.833   1.00 36.68 ? 160 HOH B O     1 
HETATM 563 O  O     . HOH E 3 .  ? 2.974   0.510   -7.560  1.00 34.00 ? 161 HOH B O     1 
HETATM 564 O  O     . HOH E 3 .  ? 4.484   2.350   -10.345 1.00 29.01 ? 162 HOH B O     1 
HETATM 565 O  O     . HOH E 3 .  ? -0.788  -10.904 11.016  1.00 42.56 ? 169 HOH B O     1 
HETATM 566 O  O     . HOH E 3 .  ? -10.924 7.277   -0.565  1.00 39.76 ? 181 HOH B O     1 
HETATM 567 O  O     . HOH E 3 .  ? -0.867  9.976   -6.231  1.00 16.73 ? 183 HOH B O     1 
# 
